data_5EUF
#
_entry.id   5EUF
#
_cell.length_a   155.159
_cell.length_b   50.266
_cell.length_c   147.889
_cell.angle_alpha   90.00
_cell.angle_beta   94.86
_cell.angle_gamma   90.00
#
_symmetry.space_group_name_H-M   'C 1 2 1'
#
loop_
_entity.id
_entity.type
_entity.pdbx_description
1 polymer Protease
2 non-polymer GLYCEROL
3 non-polymer 'ZINC ION'
4 water water
#
_entity_poly.entity_id   1
_entity_poly.type   'polypeptide(L)'
_entity_poly.pdbx_seq_one_letter_code
;SNAYLPKHESVTLKNGLQVVSVPLENKTGVIEVDVLYKVGSRNEV(MSE)GKSGIAH(MSE)LEHLNFKSTKNLKAGEFD
KIVKRFGGVSNASTSFDITRYFIKTSEANLDKSLELFAET(MSE)GSLNLKEDEFLPERQVVAEERRWRTDNSPIG
(MSE)LYFRFFNTAYVYHPYHWTPIGF(MSE)DDIQNWTLKDIKKFHSLYYQPKNAIVLVVGDVNSQKVFELTKKHFESL
KNLDEKAIPTPY(MSE)KEPKQDGARTAVVHKDGVHLEWVALGYKVPAFKHKDQVALDALSKLLGEGKSSWLQSELVDKK
RLASQAFSHN(MSE)QLQDESVFLFIAGGNPNIKAEALQKEIVALLEKLKKGEITQAELDKIKINQKADFISNLESSSDV
AGLFADYLVQNDLQGLTDYQQQFLDLKVSDLVRVANEYFKDTQSTTVFLKP
;
_entity_poly.pdbx_strand_id   A,B
#
loop_
_chem_comp.id
_chem_comp.type
_chem_comp.name
_chem_comp.formula
GOL non-polymer GLYCEROL 'C3 H8 O3'
ZN non-polymer 'ZINC ION' 'Zn 2'
#
# COMPACT_ATOMS: atom_id res chain seq x y z
N LEU A 5 14.71 37.20 1.73
CA LEU A 5 15.15 38.59 1.82
C LEU A 5 13.99 39.59 1.74
N PRO A 6 13.05 39.43 0.78
CA PRO A 6 11.98 40.44 0.76
C PRO A 6 11.04 40.33 1.95
N LYS A 7 10.57 41.48 2.43
CA LYS A 7 9.68 41.53 3.59
C LYS A 7 8.26 41.09 3.22
N HIS A 8 7.53 40.62 4.21
CA HIS A 8 6.16 40.16 4.00
C HIS A 8 5.24 40.55 5.16
N GLU A 9 3.95 40.73 4.84
CA GLU A 9 2.95 41.01 5.86
C GLU A 9 1.81 40.00 5.75
N SER A 10 1.43 39.38 6.86
CA SER A 10 0.38 38.37 6.84
C SER A 10 -0.75 38.69 7.82
N VAL A 11 -1.96 38.29 7.44
CA VAL A 11 -3.13 38.45 8.30
C VAL A 11 -4.01 37.20 8.19
N THR A 12 -4.69 36.86 9.28
CA THR A 12 -5.54 35.67 9.29
C THR A 12 -6.99 36.07 9.51
N LEU A 13 -7.87 35.56 8.65
CA LEU A 13 -9.28 35.91 8.71
C LEU A 13 -10.02 35.10 9.78
N LYS A 14 -11.29 35.41 9.98
CA LYS A 14 -12.09 34.77 11.04
C LYS A 14 -12.47 33.33 10.70
N ASN A 15 -12.22 32.93 9.46
CA ASN A 15 -12.53 31.57 9.03
C ASN A 15 -11.29 30.68 8.97
N GLY A 16 -10.12 31.29 9.12
CA GLY A 16 -8.87 30.56 9.12
C GLY A 16 -8.07 30.74 7.83
N LEU A 17 -8.67 31.45 6.89
CA LEU A 17 -8.00 31.73 5.61
C LEU A 17 -6.83 32.68 5.82
N GLN A 18 -5.61 32.13 5.74
CA GLN A 18 -4.41 32.94 5.89
C GLN A 18 -4.12 33.73 4.62
N VAL A 19 -3.98 35.04 4.75
CA VAL A 19 -3.62 35.89 3.62
C VAL A 19 -2.20 36.42 3.80
N VAL A 20 -1.37 36.24 2.78
CA VAL A 20 0.02 36.68 2.85
C VAL A 20 0.38 37.55 1.65
N SER A 21 0.85 38.77 1.93
CA SER A 21 1.23 39.69 0.87
C SER A 21 2.74 39.94 0.87
N VAL A 22 3.34 39.83 -0.30
CA VAL A 22 4.77 40.09 -0.45
C VAL A 22 5.01 41.20 -1.47
N PRO A 23 5.07 42.46 -1.00
CA PRO A 23 5.32 43.60 -1.88
C PRO A 23 6.68 43.48 -2.58
N LEU A 24 6.72 43.82 -3.86
CA LEU A 24 7.94 43.70 -4.65
C LEU A 24 8.26 44.98 -5.40
N LYS A 27 8.91 45.40 -9.09
CA LYS A 27 8.23 46.64 -8.76
C LYS A 27 7.79 47.38 -10.04
N THR A 28 7.11 46.66 -10.92
CA THR A 28 6.68 47.22 -12.21
C THR A 28 5.24 46.84 -12.57
N GLY A 29 4.37 46.77 -11.56
CA GLY A 29 2.97 46.48 -11.79
C GLY A 29 2.65 45.01 -11.97
N VAL A 30 3.68 44.19 -12.19
CA VAL A 30 3.47 42.76 -12.40
C VAL A 30 3.33 42.01 -11.08
N ILE A 31 2.22 41.30 -10.92
CA ILE A 31 1.96 40.52 -9.71
C ILE A 31 1.54 39.08 -10.01
N GLU A 32 1.52 38.26 -8.97
CA GLU A 32 0.97 36.92 -9.07
C GLU A 32 0.10 36.64 -7.85
N VAL A 33 -1.14 36.24 -8.08
CA VAL A 33 -2.06 35.93 -6.99
C VAL A 33 -2.20 34.42 -6.82
N ASP A 34 -1.83 33.92 -5.65
CA ASP A 34 -1.80 32.48 -5.39
C ASP A 34 -2.90 32.03 -4.43
N VAL A 35 -3.46 30.86 -4.71
CA VAL A 35 -4.32 30.18 -3.76
C VAL A 35 -3.74 28.81 -3.45
N LEU A 36 -3.26 28.64 -2.23
CA LEU A 36 -2.63 27.39 -1.83
C LEU A 36 -3.58 26.56 -0.99
N TYR A 37 -3.61 25.26 -1.25
CA TYR A 37 -4.37 24.34 -0.41
C TYR A 37 -3.43 23.33 0.22
N LYS A 38 -3.43 23.27 1.55
CA LYS A 38 -2.60 22.31 2.27
C LYS A 38 -3.16 20.89 2.05
N VAL A 39 -3.25 20.50 0.78
CA VAL A 39 -3.75 19.20 0.38
C VAL A 39 -2.85 18.61 -0.69
N GLY A 40 -2.52 17.33 -0.56
CA GLY A 40 -1.72 16.66 -1.57
C GLY A 40 -2.18 15.22 -1.71
N SER A 41 -1.36 14.41 -2.37
CA SER A 41 -1.65 12.99 -2.47
C SER A 41 -1.31 12.30 -1.16
N ARG A 42 -0.65 13.03 -0.27
CA ARG A 42 -0.30 12.50 1.04
C ARG A 42 -1.55 12.43 1.92
N ASN A 43 -2.60 13.13 1.51
CA ASN A 43 -3.86 13.14 2.23
C ASN A 43 -4.84 12.11 1.70
N GLU A 44 -4.38 11.26 0.80
CA GLU A 44 -5.23 10.25 0.19
C GLU A 44 -5.09 8.90 0.87
N VAL A 45 -5.87 7.93 0.40
CA VAL A 45 -5.80 6.57 0.92
C VAL A 45 -5.86 5.60 -0.26
N MSE A 46 -5.02 4.56 -0.22
CA MSE A 46 -4.94 3.61 -1.32
C MSE A 46 -6.29 2.95 -1.57
O MSE A 46 -6.91 2.40 -0.66
CB MSE A 46 -3.87 2.55 -1.04
CG MSE A 46 -3.49 1.73 -2.28
SE MSE A 46 -1.87 0.69 -2.05
CE MSE A 46 -2.48 -0.54 -0.66
N GLY A 47 -6.75 3.04 -2.82
CA GLY A 47 -8.10 2.66 -3.17
C GLY A 47 -8.86 3.89 -3.62
N LYS A 48 -8.55 5.03 -3.01
CA LYS A 48 -9.16 6.30 -3.37
C LYS A 48 -8.09 7.36 -3.59
N SER A 49 -7.02 6.98 -4.27
CA SER A 49 -5.92 7.90 -4.55
C SER A 49 -6.15 8.66 -5.84
N GLY A 50 -5.31 9.66 -6.11
CA GLY A 50 -5.40 10.44 -7.33
C GLY A 50 -6.45 11.52 -7.30
N ILE A 51 -7.31 11.49 -6.27
CA ILE A 51 -8.38 12.48 -6.14
C ILE A 51 -7.82 13.89 -6.02
N ALA A 52 -6.70 14.03 -5.32
CA ALA A 52 -6.05 15.32 -5.13
C ALA A 52 -5.75 15.97 -6.48
N HIS A 53 -5.37 15.15 -7.46
CA HIS A 53 -5.06 15.64 -8.79
C HIS A 53 -6.33 15.83 -9.62
N MSE A 54 -7.35 15.01 -9.36
CA MSE A 54 -8.61 15.11 -10.07
C MSE A 54 -9.28 16.45 -9.80
O MSE A 54 -9.86 17.06 -10.71
CB MSE A 54 -9.54 13.96 -9.68
CG MSE A 54 -10.92 14.02 -10.30
SE MSE A 54 -10.93 13.87 -12.24
CE MSE A 54 -12.83 13.56 -12.51
N LEU A 55 -9.19 16.92 -8.56
CA LEU A 55 -9.77 18.19 -8.16
C LEU A 55 -9.13 19.37 -8.88
N GLU A 56 -7.87 19.20 -9.30
CA GLU A 56 -7.18 20.23 -10.06
C GLU A 56 -7.91 20.47 -11.38
N HIS A 57 -8.32 19.39 -12.03
CA HIS A 57 -9.09 19.48 -13.27
C HIS A 57 -10.48 20.03 -13.03
N LEU A 58 -11.07 19.65 -11.89
CA LEU A 58 -12.44 20.01 -11.57
C LEU A 58 -12.56 21.44 -11.03
N ASN A 59 -11.46 21.97 -10.51
CA ASN A 59 -11.46 23.32 -9.94
C ASN A 59 -11.68 24.39 -10.99
N PHE A 60 -11.45 24.04 -12.25
CA PHE A 60 -11.64 24.98 -13.35
C PHE A 60 -12.96 24.72 -14.10
N LYS A 61 -13.83 23.93 -13.48
CA LYS A 61 -15.13 23.63 -14.07
C LYS A 61 -16.17 24.65 -13.63
N SER A 62 -17.45 24.36 -13.90
CA SER A 62 -18.51 25.31 -13.62
C SER A 62 -18.76 25.49 -12.12
N THR A 63 -18.99 26.74 -11.73
CA THR A 63 -19.37 27.06 -10.36
C THR A 63 -20.80 27.60 -10.34
N LYS A 64 -21.06 28.57 -9.48
CA LYS A 64 -22.39 29.18 -9.41
C LYS A 64 -22.55 30.25 -10.49
N ASN A 65 -21.52 31.07 -10.67
CA ASN A 65 -21.57 32.16 -11.64
C ASN A 65 -20.66 31.93 -12.85
N LEU A 66 -19.89 30.85 -12.81
CA LEU A 66 -18.98 30.55 -13.90
C LEU A 66 -19.39 29.30 -14.68
N LYS A 67 -19.16 29.31 -15.99
CA LYS A 67 -19.43 28.17 -16.84
C LYS A 67 -18.28 27.18 -16.80
N ALA A 68 -18.40 26.08 -17.54
CA ALA A 68 -17.43 25.00 -17.50
C ALA A 68 -16.03 25.44 -17.92
N GLY A 69 -15.94 26.50 -18.71
CA GLY A 69 -14.66 27.01 -19.15
C GLY A 69 -14.57 28.53 -19.07
N GLU A 70 -15.47 29.12 -18.30
CA GLU A 70 -15.53 30.58 -18.19
C GLU A 70 -14.35 31.14 -17.40
N PHE A 71 -13.80 30.34 -16.50
CA PHE A 71 -12.65 30.76 -15.70
C PHE A 71 -11.45 31.07 -16.58
N ASP A 72 -11.09 30.11 -17.43
CA ASP A 72 -9.92 30.24 -18.30
C ASP A 72 -10.14 31.28 -19.39
N LYS A 73 -11.38 31.69 -19.61
CA LYS A 73 -11.70 32.67 -20.64
C LYS A 73 -11.74 34.08 -20.10
N ILE A 74 -12.13 34.23 -18.83
CA ILE A 74 -12.13 35.54 -18.18
C ILE A 74 -10.70 35.98 -17.90
N VAL A 75 -9.86 35.05 -17.46
CA VAL A 75 -8.47 35.34 -17.17
C VAL A 75 -7.71 35.66 -18.46
N LYS A 76 -8.13 35.05 -19.56
CA LYS A 76 -7.53 35.32 -20.86
C LYS A 76 -7.89 36.72 -21.35
N ARG A 77 -9.04 37.23 -20.90
CA ARG A 77 -9.54 38.52 -21.36
C ARG A 77 -8.71 39.69 -20.86
N PHE A 78 -8.20 39.61 -19.63
CA PHE A 78 -7.31 40.67 -19.15
C PHE A 78 -5.84 40.25 -19.30
N GLY A 79 -5.59 39.41 -20.29
CA GLY A 79 -4.24 39.06 -20.69
C GLY A 79 -3.42 38.37 -19.63
N GLY A 80 -4.09 37.72 -18.69
CA GLY A 80 -3.41 36.99 -17.64
C GLY A 80 -3.11 35.56 -18.05
N VAL A 81 -2.28 34.90 -17.27
CA VAL A 81 -1.98 33.48 -17.49
C VAL A 81 -2.28 32.72 -16.21
N SER A 82 -2.94 31.57 -16.35
CA SER A 82 -3.30 30.75 -15.19
C SER A 82 -2.80 29.32 -15.35
N ASN A 83 -2.22 28.79 -14.27
CA ASN A 83 -1.81 27.40 -14.24
C ASN A 83 -2.14 26.79 -12.89
N ALA A 84 -1.94 25.49 -12.77
CA ALA A 84 -2.22 24.77 -11.54
C ALA A 84 -1.36 23.51 -11.44
N SER A 85 -1.01 23.13 -10.22
CA SER A 85 -0.22 21.93 -10.02
C SER A 85 -0.55 21.28 -8.68
N THR A 86 -0.59 19.95 -8.68
CA THR A 86 -0.76 19.19 -7.46
C THR A 86 0.47 18.31 -7.23
N SER A 87 1.04 18.40 -6.03
CA SER A 87 2.18 17.56 -5.69
C SER A 87 1.84 16.63 -4.54
N PHE A 88 2.86 16.13 -3.85
CA PHE A 88 2.66 15.23 -2.73
C PHE A 88 2.03 15.91 -1.53
N ASP A 89 2.36 17.19 -1.33
CA ASP A 89 2.01 17.87 -0.09
C ASP A 89 1.13 19.11 -0.25
N ILE A 90 1.01 19.61 -1.48
CA ILE A 90 0.32 20.88 -1.69
C ILE A 90 -0.37 20.93 -3.04
N THR A 91 -1.56 21.56 -3.07
CA THR A 91 -2.25 21.87 -4.32
C THR A 91 -2.24 23.38 -4.53
N ARG A 92 -1.66 23.82 -5.65
CA ARG A 92 -1.40 25.24 -5.87
C ARG A 92 -2.03 25.80 -7.14
N TYR A 93 -2.83 26.84 -6.98
CA TYR A 93 -3.38 27.58 -8.12
C TYR A 93 -2.82 28.99 -8.13
N PHE A 94 -2.56 29.52 -9.33
CA PHE A 94 -2.06 30.90 -9.43
C PHE A 94 -2.40 31.56 -10.76
N ILE A 95 -2.65 32.86 -10.69
CA ILE A 95 -2.83 33.70 -11.88
C ILE A 95 -1.76 34.79 -11.88
N LYS A 96 -0.96 34.83 -12.95
CA LYS A 96 0.05 35.87 -13.07
C LYS A 96 -0.42 36.96 -14.01
N THR A 97 -0.63 38.16 -13.48
CA THR A 97 -1.12 39.29 -14.26
C THR A 97 -0.63 40.63 -13.70
N SER A 98 -1.28 41.71 -14.12
CA SER A 98 -0.94 43.03 -13.62
C SER A 98 -1.72 43.32 -12.33
N GLU A 99 -1.31 44.39 -11.64
CA GLU A 99 -1.94 44.76 -10.37
C GLU A 99 -3.37 45.25 -10.60
N ALA A 100 -3.65 45.73 -11.81
CA ALA A 100 -4.97 46.24 -12.15
C ALA A 100 -6.05 45.15 -12.05
N ASN A 101 -5.65 43.91 -12.31
CA ASN A 101 -6.60 42.79 -12.29
C ASN A 101 -6.55 41.99 -10.99
N LEU A 102 -6.08 42.63 -9.92
CA LEU A 102 -5.99 41.98 -8.62
C LEU A 102 -7.39 41.65 -8.08
N ASP A 103 -8.35 42.51 -8.39
CA ASP A 103 -9.71 42.34 -7.89
C ASP A 103 -10.41 41.15 -8.51
N LYS A 104 -10.46 41.12 -9.84
CA LYS A 104 -11.16 40.06 -10.56
C LYS A 104 -10.54 38.69 -10.30
N SER A 105 -9.22 38.67 -10.15
CA SER A 105 -8.51 37.44 -9.87
C SER A 105 -8.92 36.85 -8.53
N LEU A 106 -9.00 37.70 -7.51
CA LEU A 106 -9.49 37.27 -6.20
C LEU A 106 -10.96 36.89 -6.29
N GLU A 107 -11.72 37.62 -7.09
CA GLU A 107 -13.12 37.33 -7.31
C GLU A 107 -13.29 35.96 -7.95
N LEU A 108 -12.44 35.65 -8.93
CA LEU A 108 -12.47 34.37 -9.62
C LEU A 108 -12.14 33.21 -8.69
N PHE A 109 -11.05 33.35 -7.93
CA PHE A 109 -10.60 32.29 -7.03
C PHE A 109 -11.59 32.03 -5.90
N ALA A 110 -12.24 33.08 -5.42
CA ALA A 110 -13.26 32.93 -4.38
C ALA A 110 -14.47 32.18 -4.94
N GLU A 111 -14.72 32.37 -6.23
CA GLU A 111 -15.84 31.73 -6.90
C GLU A 111 -15.63 30.21 -7.01
N THR A 112 -14.38 29.79 -6.97
CA THR A 112 -14.06 28.37 -7.13
C THR A 112 -13.79 27.69 -5.80
N MSE A 113 -13.77 28.46 -4.71
CA MSE A 113 -13.48 27.90 -3.41
C MSE A 113 -14.74 27.48 -2.67
O MSE A 113 -14.96 26.29 -2.42
CB MSE A 113 -12.68 28.89 -2.56
CG MSE A 113 -12.11 28.27 -1.29
SE MSE A 113 -10.86 29.44 -0.36
CE MSE A 113 -12.10 30.31 0.86
N GLY A 114 -15.56 28.46 -2.31
CA GLY A 114 -16.76 28.20 -1.52
C GLY A 114 -18.03 28.26 -2.35
N SER A 115 -17.88 28.15 -3.67
CA SER A 115 -19.02 28.25 -4.56
C SER A 115 -18.95 27.21 -5.69
N LEU A 116 -17.91 26.38 -5.66
CA LEU A 116 -17.71 25.37 -6.70
C LEU A 116 -18.63 24.17 -6.51
N ASN A 117 -19.43 23.87 -7.53
CA ASN A 117 -20.26 22.68 -7.52
C ASN A 117 -19.76 21.67 -8.55
N LEU A 118 -19.67 20.41 -8.13
CA LEU A 118 -19.14 19.36 -8.98
C LEU A 118 -20.27 18.50 -9.53
N LYS A 119 -20.67 18.77 -10.77
CA LYS A 119 -21.77 18.04 -11.39
C LYS A 119 -21.34 16.68 -11.91
N GLU A 120 -22.31 15.79 -12.11
CA GLU A 120 -22.05 14.46 -12.62
C GLU A 120 -21.62 14.50 -14.08
N ASP A 121 -22.28 15.36 -14.86
CA ASP A 121 -21.99 15.49 -16.28
C ASP A 121 -20.64 16.17 -16.53
N GLU A 122 -19.94 16.50 -15.45
CA GLU A 122 -18.59 17.04 -15.54
C GLU A 122 -17.59 16.03 -14.96
N PHE A 123 -18.04 15.26 -13.97
CA PHE A 123 -17.20 14.27 -13.33
C PHE A 123 -16.88 13.10 -14.26
N LEU A 124 -17.90 12.60 -14.94
CA LEU A 124 -17.73 11.47 -15.86
C LEU A 124 -16.77 11.76 -17.02
N PRO A 125 -16.96 12.88 -17.75
CA PRO A 125 -16.05 13.10 -18.88
C PRO A 125 -14.61 13.33 -18.45
N GLU A 126 -14.43 14.02 -17.31
CA GLU A 126 -13.09 14.37 -16.86
C GLU A 126 -12.33 13.16 -16.31
N ARG A 127 -13.05 12.16 -15.81
CA ARG A 127 -12.43 10.96 -15.26
C ARG A 127 -11.71 10.15 -16.32
N GLN A 128 -12.37 9.93 -17.47
CA GLN A 128 -11.76 9.18 -18.56
C GLN A 128 -10.61 9.96 -19.17
N VAL A 129 -10.63 11.28 -18.99
CA VAL A 129 -9.52 12.11 -19.44
C VAL A 129 -8.29 11.86 -18.58
N VAL A 130 -8.46 11.95 -17.27
CA VAL A 130 -7.40 11.66 -16.32
C VAL A 130 -6.94 10.21 -16.46
N ALA A 131 -7.88 9.33 -16.82
CA ALA A 131 -7.56 7.94 -17.10
C ALA A 131 -6.56 7.85 -18.26
N GLU A 132 -6.74 8.71 -19.27
CA GLU A 132 -5.81 8.78 -20.39
C GLU A 132 -4.50 9.40 -19.94
N GLU A 133 -4.58 10.38 -19.04
CA GLU A 133 -3.39 11.01 -18.50
C GLU A 133 -2.56 9.99 -17.74
N ARG A 134 -3.25 9.07 -17.07
CA ARG A 134 -2.58 7.95 -16.40
C ARG A 134 -2.08 6.94 -17.44
N ARG A 135 -2.89 6.73 -18.47
CA ARG A 135 -2.60 5.72 -19.48
C ARG A 135 -1.38 6.06 -20.33
N TRP A 136 -1.17 7.36 -20.57
CA TRP A 136 -0.15 7.79 -21.52
C TRP A 136 1.01 8.57 -20.90
N ARG A 137 0.95 8.84 -19.60
CA ARG A 137 2.04 9.58 -18.95
C ARG A 137 2.66 8.79 -17.80
N THR A 138 2.15 7.58 -17.56
CA THR A 138 2.71 6.71 -16.54
C THR A 138 2.79 5.26 -17.04
N ASP A 139 1.74 4.81 -17.72
CA ASP A 139 1.71 3.45 -18.22
C ASP A 139 2.59 3.30 -19.45
N ASN A 140 2.36 4.15 -20.45
CA ASN A 140 3.17 4.12 -21.66
C ASN A 140 4.17 5.27 -21.69
N SER A 141 4.88 5.45 -20.59
CA SER A 141 5.90 6.49 -20.48
C SER A 141 7.10 5.98 -19.68
N PRO A 142 8.32 6.09 -20.27
CA PRO A 142 9.55 5.60 -19.65
C PRO A 142 9.80 6.22 -18.27
N ILE A 143 10.05 7.52 -18.24
CA ILE A 143 10.36 8.22 -16.99
C ILE A 143 9.16 8.17 -16.02
N GLY A 144 7.95 8.21 -16.56
CA GLY A 144 6.75 8.22 -15.74
C GLY A 144 6.52 6.93 -14.96
N MSE A 145 6.76 5.80 -15.62
CA MSE A 145 6.59 4.50 -14.98
C MSE A 145 7.65 4.30 -13.91
O MSE A 145 7.36 3.81 -12.82
CB MSE A 145 6.66 3.37 -16.03
CG MSE A 145 6.27 2.01 -15.49
SE MSE A 145 4.43 1.93 -14.87
CE MSE A 145 4.34 0.04 -14.37
N LEU A 146 8.89 4.68 -14.24
CA LEU A 146 10.01 4.58 -13.31
C LEU A 146 9.76 5.41 -12.07
N TYR A 147 9.18 6.60 -12.27
CA TYR A 147 8.84 7.51 -11.19
C TYR A 147 7.82 6.86 -10.23
N PHE A 148 6.76 6.30 -10.81
CA PHE A 148 5.68 5.72 -10.02
C PHE A 148 6.13 4.45 -9.30
N ARG A 149 6.81 3.56 -10.02
CA ARG A 149 7.25 2.30 -9.45
C ARG A 149 8.31 2.48 -8.35
N PHE A 150 9.08 3.57 -8.44
CA PHE A 150 10.08 3.84 -7.42
C PHE A 150 9.41 4.10 -6.08
N PHE A 151 8.45 5.00 -6.07
CA PHE A 151 7.74 5.34 -4.83
C PHE A 151 6.90 4.16 -4.34
N ASN A 152 6.52 3.27 -5.24
CA ASN A 152 5.89 2.02 -4.86
C ASN A 152 6.83 1.17 -4.01
N THR A 153 8.13 1.28 -4.30
CA THR A 153 9.14 0.45 -3.66
C THR A 153 9.74 1.13 -2.44
N ALA A 154 9.98 2.43 -2.55
CA ALA A 154 10.64 3.17 -1.48
C ALA A 154 9.75 3.33 -0.26
N TYR A 155 8.44 3.42 -0.49
CA TYR A 155 7.48 3.58 0.60
C TYR A 155 6.50 2.43 0.62
N VAL A 156 6.25 1.89 1.81
CA VAL A 156 5.39 0.72 1.96
C VAL A 156 4.04 1.09 2.56
N TYR A 157 4.05 2.05 3.47
CA TYR A 157 2.87 2.34 4.28
C TYR A 157 2.39 3.78 4.12
N HIS A 158 3.33 4.72 4.15
CA HIS A 158 3.01 6.14 4.00
C HIS A 158 2.46 6.42 2.60
N PRO A 159 1.52 7.37 2.49
CA PRO A 159 0.90 7.73 1.20
C PRO A 159 1.89 8.10 0.09
N TYR A 160 3.17 8.24 0.41
CA TYR A 160 4.18 8.42 -0.63
C TYR A 160 4.41 7.10 -1.38
N HIS A 161 3.61 6.10 -1.02
CA HIS A 161 3.61 4.81 -1.71
C HIS A 161 3.19 4.99 -3.16
N TRP A 162 2.49 6.08 -3.45
CA TRP A 162 2.04 6.36 -4.81
C TRP A 162 2.25 7.82 -5.21
N THR A 163 2.30 8.04 -6.51
CA THR A 163 2.43 9.36 -7.12
C THR A 163 1.05 10.00 -7.23
N PRO A 164 0.96 11.32 -7.06
CA PRO A 164 -0.28 12.10 -7.19
C PRO A 164 -1.25 11.66 -8.30
N ILE A 165 -0.74 10.98 -9.33
CA ILE A 165 -1.59 10.45 -10.39
C ILE A 165 -2.43 9.27 -9.88
N GLY A 166 -1.94 8.58 -8.85
CA GLY A 166 -2.65 7.45 -8.27
C GLY A 166 -2.69 6.21 -9.15
N PHE A 167 -3.22 5.13 -8.60
CA PHE A 167 -3.36 3.87 -9.34
C PHE A 167 -4.50 3.94 -10.35
N MSE A 168 -4.37 3.22 -11.46
CA MSE A 168 -5.36 3.27 -12.52
C MSE A 168 -6.73 2.78 -12.04
O MSE A 168 -7.74 3.44 -12.28
CB MSE A 168 -4.91 2.43 -13.73
CG MSE A 168 -5.96 2.30 -14.83
SE MSE A 168 -6.42 4.00 -15.69
CE MSE A 168 -5.19 3.90 -17.20
N ASP A 169 -6.74 1.65 -11.34
CA ASP A 169 -7.99 1.08 -10.85
C ASP A 169 -8.69 2.03 -9.87
N ASP A 170 -7.89 2.80 -9.13
CA ASP A 170 -8.43 3.82 -8.25
C ASP A 170 -9.24 4.83 -9.04
N ILE A 171 -8.63 5.36 -10.09
CA ILE A 171 -9.28 6.31 -10.99
C ILE A 171 -10.56 5.71 -11.56
N GLN A 172 -10.49 4.45 -11.97
CA GLN A 172 -11.64 3.79 -12.58
C GLN A 172 -12.81 3.62 -11.61
N ASN A 173 -12.52 3.61 -10.32
CA ASN A 173 -13.55 3.37 -9.31
C ASN A 173 -13.86 4.55 -8.41
N TRP A 174 -13.61 5.76 -8.90
CA TRP A 174 -14.02 6.96 -8.18
C TRP A 174 -15.53 7.11 -8.25
N THR A 175 -16.10 7.82 -7.29
CA THR A 175 -17.50 8.23 -7.35
C THR A 175 -17.60 9.72 -7.08
N LEU A 176 -18.69 10.33 -7.51
CA LEU A 176 -18.91 11.75 -7.29
C LEU A 176 -18.93 12.08 -5.79
N LYS A 177 -19.45 11.13 -5.00
CA LYS A 177 -19.49 11.28 -3.55
C LYS A 177 -18.07 11.31 -2.97
N ASP A 178 -17.21 10.45 -3.49
CA ASP A 178 -15.83 10.37 -3.02
C ASP A 178 -15.09 11.68 -3.24
N ILE A 179 -15.38 12.33 -4.36
CA ILE A 179 -14.72 13.56 -4.74
C ILE A 179 -15.28 14.75 -3.97
N LYS A 180 -16.60 14.80 -3.82
CA LYS A 180 -17.24 15.85 -3.05
C LYS A 180 -16.78 15.83 -1.59
N LYS A 181 -16.65 14.63 -1.03
CA LYS A 181 -16.19 14.49 0.35
C LYS A 181 -14.77 14.98 0.51
N PHE A 182 -13.91 14.62 -0.45
CA PHE A 182 -12.52 15.03 -0.43
C PHE A 182 -12.38 16.53 -0.59
N HIS A 183 -13.17 17.09 -1.50
CA HIS A 183 -13.13 18.53 -1.77
C HIS A 183 -13.64 19.33 -0.59
N SER A 184 -14.87 19.03 -0.16
CA SER A 184 -15.53 19.76 0.92
C SER A 184 -14.69 19.77 2.19
N LEU A 185 -13.96 18.68 2.43
CA LEU A 185 -13.14 18.55 3.62
C LEU A 185 -11.83 19.31 3.51
N TYR A 186 -11.15 19.16 2.37
CA TYR A 186 -9.79 19.66 2.24
C TYR A 186 -9.68 21.02 1.57
N TYR A 187 -10.74 21.48 0.92
CA TYR A 187 -10.75 22.80 0.29
C TYR A 187 -11.46 23.82 1.16
N GLN A 188 -11.47 23.59 2.46
CA GLN A 188 -12.03 24.55 3.40
C GLN A 188 -11.15 25.79 3.47
N PRO A 189 -11.75 26.95 3.79
CA PRO A 189 -10.99 28.19 3.96
C PRO A 189 -9.87 28.05 5.00
N LYS A 190 -10.13 27.26 6.05
CA LYS A 190 -9.14 27.04 7.10
C LYS A 190 -7.92 26.28 6.60
N ASN A 191 -8.09 25.56 5.50
CA ASN A 191 -7.02 24.75 4.94
C ASN A 191 -6.40 25.42 3.71
N ALA A 192 -6.64 26.71 3.56
CA ALA A 192 -6.17 27.43 2.39
C ALA A 192 -5.35 28.67 2.75
N ILE A 193 -4.57 29.14 1.77
CA ILE A 193 -3.73 30.32 1.94
C ILE A 193 -3.79 31.18 0.68
N VAL A 194 -4.04 32.48 0.87
CA VAL A 194 -4.01 33.43 -0.24
C VAL A 194 -2.70 34.19 -0.24
N LEU A 195 -1.90 33.99 -1.28
CA LEU A 195 -0.59 34.62 -1.41
C LEU A 195 -0.53 35.55 -2.60
N VAL A 196 -0.20 36.82 -2.36
CA VAL A 196 -0.08 37.80 -3.43
C VAL A 196 1.34 38.39 -3.46
N VAL A 197 2.00 38.22 -4.59
CA VAL A 197 3.40 38.64 -4.74
C VAL A 197 3.58 39.52 -5.97
N GLY A 198 4.25 40.64 -5.81
CA GLY A 198 4.53 41.54 -6.92
C GLY A 198 4.47 43.00 -6.50
N ASP A 199 4.21 43.88 -7.46
CA ASP A 199 4.09 45.30 -7.17
C ASP A 199 2.67 45.63 -6.74
N VAL A 200 2.34 45.29 -5.50
CA VAL A 200 1.02 45.56 -4.93
C VAL A 200 1.14 46.00 -3.48
N ASN A 201 0.11 46.69 -2.99
CA ASN A 201 0.12 47.16 -1.60
C ASN A 201 -0.48 46.12 -0.66
N SER A 202 0.25 45.83 0.42
CA SER A 202 -0.14 44.79 1.37
C SER A 202 -1.47 45.09 2.06
N GLN A 203 -1.69 46.36 2.40
CA GLN A 203 -2.93 46.75 3.05
C GLN A 203 -4.09 46.70 2.05
N LYS A 204 -3.78 46.95 0.78
CA LYS A 204 -4.78 46.89 -0.28
C LYS A 204 -5.21 45.45 -0.54
N VAL A 205 -4.25 44.54 -0.48
CA VAL A 205 -4.51 43.12 -0.69
C VAL A 205 -5.41 42.54 0.39
N PHE A 206 -5.12 42.90 1.64
CA PHE A 206 -5.84 42.36 2.79
C PHE A 206 -7.33 42.64 2.74
N GLU A 207 -7.69 43.93 2.64
CA GLU A 207 -9.09 44.33 2.63
C GLU A 207 -9.83 43.85 1.38
N LEU A 208 -9.08 43.70 0.29
CA LEU A 208 -9.67 43.24 -0.97
C LEU A 208 -9.88 41.73 -0.95
N THR A 209 -9.05 41.03 -0.18
CA THR A 209 -9.22 39.59 0.03
C THR A 209 -10.42 39.34 0.95
N LYS A 210 -10.61 40.23 1.92
CA LYS A 210 -11.74 40.15 2.83
C LYS A 210 -13.06 40.30 2.07
N LYS A 211 -13.04 41.10 1.01
CA LYS A 211 -14.25 41.37 0.24
C LYS A 211 -14.78 40.11 -0.45
N HIS A 212 -13.90 39.16 -0.72
CA HIS A 212 -14.29 37.95 -1.46
C HIS A 212 -14.17 36.68 -0.63
N PHE A 213 -13.53 36.76 0.54
CA PHE A 213 -13.22 35.54 1.29
C PHE A 213 -13.68 35.56 2.75
N GLU A 214 -14.06 36.73 3.27
CA GLU A 214 -14.52 36.81 4.65
C GLU A 214 -15.89 36.18 4.81
N SER A 215 -16.65 36.15 3.71
CA SER A 215 -18.02 35.65 3.74
C SER A 215 -18.07 34.11 3.63
N LEU A 216 -17.09 33.53 2.97
CA LEU A 216 -17.05 32.08 2.78
C LEU A 216 -16.82 31.36 4.11
N LYS A 217 -17.45 30.21 4.27
CA LYS A 217 -17.41 29.49 5.55
C LYS A 217 -16.80 28.09 5.40
N ASN A 218 -16.52 27.47 6.54
CA ASN A 218 -15.92 26.14 6.57
C ASN A 218 -16.98 25.05 6.65
N LEU A 219 -16.54 23.80 6.69
CA LEU A 219 -17.46 22.67 6.77
C LEU A 219 -18.08 22.62 8.15
N ASP A 220 -17.31 22.12 9.12
CA ASP A 220 -17.75 22.07 10.50
C ASP A 220 -16.76 22.83 11.38
N GLU A 221 -16.72 22.47 12.67
CA GLU A 221 -15.79 23.11 13.59
C GLU A 221 -14.57 22.21 13.83
N LYS A 222 -14.73 20.93 13.52
CA LYS A 222 -13.67 19.95 13.73
C LYS A 222 -12.42 20.28 12.92
N ALA A 223 -11.27 19.77 13.37
CA ALA A 223 -10.01 20.03 12.70
C ALA A 223 -9.82 19.10 11.51
N ILE A 224 -8.91 19.47 10.60
CA ILE A 224 -8.61 18.65 9.44
C ILE A 224 -7.91 17.37 9.87
N PRO A 225 -8.42 16.22 9.42
CA PRO A 225 -7.79 14.93 9.75
C PRO A 225 -6.33 14.86 9.32
N THR A 226 -5.45 14.57 10.26
CA THR A 226 -4.02 14.48 9.97
C THR A 226 -3.62 13.04 9.66
N PRO A 227 -2.92 12.83 8.54
CA PRO A 227 -2.42 11.50 8.18
C PRO A 227 -1.53 10.91 9.27
N TYR A 228 -1.74 9.65 9.59
CA TYR A 228 -1.06 9.00 10.71
C TYR A 228 -0.15 7.88 10.25
N MSE A 229 -0.20 7.55 8.96
CA MSE A 229 0.61 6.48 8.41
C MSE A 229 2.08 6.88 8.29
O MSE A 229 2.52 7.35 7.23
CB MSE A 229 0.08 6.03 7.04
CG MSE A 229 -1.07 6.88 6.53
SE MSE A 229 -2.76 5.92 6.62
CE MSE A 229 -3.95 7.33 6.00
N LYS A 230 2.84 6.71 9.36
CA LYS A 230 4.25 7.05 9.38
C LYS A 230 5.09 5.90 8.81
N GLU A 231 5.97 6.21 7.86
CA GLU A 231 6.86 5.20 7.28
C GLU A 231 7.80 4.65 8.34
N PRO A 232 7.77 3.32 8.53
CA PRO A 232 8.79 2.72 9.41
C PRO A 232 10.18 2.97 8.83
N LYS A 233 11.17 3.16 9.69
CA LYS A 233 12.53 3.38 9.24
C LYS A 233 12.95 2.25 8.31
N GLN A 234 13.55 2.60 7.18
CA GLN A 234 13.97 1.60 6.21
C GLN A 234 15.09 0.76 6.81
N ASP A 235 14.97 -0.56 6.65
CA ASP A 235 15.80 -1.51 7.37
C ASP A 235 16.72 -2.31 6.45
N GLY A 236 16.98 -1.76 5.26
CA GLY A 236 17.80 -2.46 4.27
C GLY A 236 17.38 -2.15 2.86
N ALA A 237 18.24 -2.46 1.90
CA ALA A 237 18.00 -2.11 0.51
C ALA A 237 16.74 -2.75 -0.06
N ARG A 238 15.98 -1.96 -0.81
CA ARG A 238 14.82 -2.46 -1.54
C ARG A 238 15.06 -2.27 -3.03
N THR A 239 14.76 -3.30 -3.82
CA THR A 239 14.91 -3.20 -5.28
C THR A 239 13.68 -3.73 -6.03
N ALA A 240 13.51 -3.26 -7.25
CA ALA A 240 12.47 -3.76 -8.14
C ALA A 240 12.85 -3.53 -9.60
N VAL A 241 12.83 -4.59 -10.41
CA VAL A 241 13.09 -4.43 -11.83
C VAL A 241 11.77 -4.44 -12.60
N VAL A 242 11.63 -3.52 -13.55
CA VAL A 242 10.39 -3.37 -14.30
C VAL A 242 10.60 -3.62 -15.79
N HIS A 243 10.12 -4.76 -16.28
CA HIS A 243 10.11 -5.04 -17.71
C HIS A 243 8.83 -4.49 -18.33
N LYS A 244 8.97 -3.59 -19.29
CA LYS A 244 7.80 -3.02 -19.95
C LYS A 244 8.04 -2.86 -21.44
N ASP A 245 7.19 -3.48 -22.25
CA ASP A 245 7.22 -3.31 -23.69
C ASP A 245 6.84 -1.87 -24.02
N GLY A 246 7.47 -1.33 -25.05
CA GLY A 246 7.24 0.05 -25.44
C GLY A 246 8.47 0.90 -25.20
N VAL A 247 9.37 0.40 -24.36
CA VAL A 247 10.63 1.07 -24.12
C VAL A 247 11.74 0.37 -24.88
N HIS A 248 12.83 1.09 -25.14
CA HIS A 248 13.95 0.52 -25.88
C HIS A 248 15.25 0.74 -25.11
N LEU A 249 15.38 1.91 -24.49
CA LEU A 249 16.55 2.20 -23.65
C LEU A 249 16.35 1.62 -22.25
N GLU A 250 17.43 1.60 -21.47
CA GLU A 250 17.41 1.00 -20.14
C GLU A 250 17.61 2.07 -19.06
N TRP A 251 16.63 2.18 -18.16
CA TRP A 251 16.65 3.24 -17.15
C TRP A 251 16.88 2.71 -15.73
N VAL A 252 17.25 3.61 -14.83
CA VAL A 252 17.49 3.25 -13.44
C VAL A 252 17.18 4.40 -12.49
N ALA A 253 16.57 4.09 -11.36
CA ALA A 253 16.32 5.08 -10.32
C ALA A 253 16.96 4.66 -9.00
N LEU A 254 17.78 5.52 -8.44
CA LEU A 254 18.41 5.24 -7.16
C LEU A 254 18.02 6.32 -6.16
N GLY A 255 17.30 5.93 -5.12
CA GLY A 255 16.83 6.87 -4.13
C GLY A 255 17.25 6.49 -2.73
N TYR A 256 17.64 7.49 -1.95
CA TYR A 256 18.02 7.29 -0.56
C TYR A 256 17.06 8.04 0.35
N LYS A 257 16.63 7.38 1.44
CA LYS A 257 15.71 8.00 2.39
C LYS A 257 16.34 9.24 3.02
N VAL A 258 15.54 10.28 3.16
CA VAL A 258 16.01 11.59 3.57
C VAL A 258 15.01 12.23 4.53
N PRO A 259 15.49 13.02 5.50
CA PRO A 259 14.67 13.65 6.54
C PRO A 259 13.47 14.46 6.01
N ALA A 260 12.58 14.84 6.93
CA ALA A 260 11.42 15.65 6.56
C ALA A 260 11.80 17.08 6.18
N PHE A 261 10.80 17.92 5.96
CA PHE A 261 11.00 19.25 5.39
C PHE A 261 11.84 20.18 6.27
N LYS A 262 11.51 20.25 7.55
CA LYS A 262 12.09 21.26 8.42
C LYS A 262 13.49 20.91 8.97
N HIS A 263 14.05 19.80 8.51
CA HIS A 263 15.32 19.35 9.05
C HIS A 263 16.48 20.25 8.63
N LYS A 264 17.48 20.37 9.49
CA LYS A 264 18.62 21.26 9.25
C LYS A 264 19.48 20.81 8.08
N ASP A 265 19.44 19.51 7.79
CA ASP A 265 20.31 18.92 6.79
C ASP A 265 19.77 19.07 5.36
N GLN A 266 18.57 19.64 5.25
CA GLN A 266 17.95 19.81 3.93
C GLN A 266 18.73 20.80 3.08
N VAL A 267 19.40 21.75 3.74
CA VAL A 267 20.19 22.75 3.04
C VAL A 267 21.39 22.10 2.34
N ALA A 268 22.15 21.31 3.09
CA ALA A 268 23.32 20.62 2.55
C ALA A 268 22.92 19.66 1.43
N LEU A 269 21.77 19.03 1.59
CA LEU A 269 21.24 18.10 0.58
C LEU A 269 20.96 18.82 -0.73
N ASP A 270 20.30 19.97 -0.64
CA ASP A 270 20.03 20.81 -1.80
C ASP A 270 21.33 21.13 -2.54
N ALA A 271 22.39 21.39 -1.78
CA ALA A 271 23.70 21.66 -2.35
C ALA A 271 24.29 20.40 -2.98
N LEU A 272 24.07 19.25 -2.34
CA LEU A 272 24.55 17.97 -2.86
C LEU A 272 23.91 17.64 -4.21
N SER A 273 22.66 18.03 -4.35
CA SER A 273 21.94 17.81 -5.60
C SER A 273 22.55 18.63 -6.72
N LYS A 274 22.90 19.87 -6.41
CA LYS A 274 23.47 20.80 -7.39
C LYS A 274 24.90 20.44 -7.77
N LEU A 275 25.56 19.68 -6.90
CA LEU A 275 26.92 19.22 -7.15
C LEU A 275 26.91 17.92 -7.95
N LEU A 276 26.08 16.98 -7.52
CA LEU A 276 26.05 15.64 -8.10
C LEU A 276 25.38 15.59 -9.46
N GLY A 277 24.11 15.99 -9.53
CA GLY A 277 23.36 15.88 -10.76
C GLY A 277 22.38 17.01 -11.02
N GLU A 278 22.89 18.23 -11.01
CA GLU A 278 22.07 19.39 -11.34
C GLU A 278 22.94 20.51 -11.89
N GLY A 279 22.87 20.74 -13.19
CA GLY A 279 23.70 21.73 -13.84
C GLY A 279 24.48 21.11 -14.99
N LYS A 280 25.05 21.96 -15.85
CA LYS A 280 25.79 21.48 -17.01
C LYS A 280 27.17 20.95 -16.61
N SER A 281 27.54 21.16 -15.35
CA SER A 281 28.86 20.79 -14.88
C SER A 281 28.82 19.83 -13.69
N SER A 282 27.67 19.19 -13.49
CA SER A 282 27.50 18.24 -12.39
C SER A 282 28.37 17.00 -12.58
N TRP A 283 28.48 16.20 -11.52
CA TRP A 283 29.28 14.97 -11.58
C TRP A 283 28.68 13.94 -12.53
N LEU A 284 27.36 13.82 -12.50
CA LEU A 284 26.67 12.86 -13.36
C LEU A 284 26.80 13.24 -14.83
N GLN A 285 26.57 14.52 -15.13
CA GLN A 285 26.64 15.01 -16.49
C GLN A 285 28.06 14.90 -17.07
N SER A 286 29.06 15.11 -16.21
CA SER A 286 30.44 15.09 -16.66
C SER A 286 30.96 13.68 -16.88
N GLU A 287 30.71 12.80 -15.91
CA GLU A 287 31.22 11.43 -15.98
C GLU A 287 30.35 10.50 -16.82
N LEU A 288 29.09 10.35 -16.43
CA LEU A 288 28.21 9.38 -17.06
C LEU A 288 27.75 9.81 -18.46
N VAL A 289 27.52 11.11 -18.65
CA VAL A 289 27.00 11.60 -19.91
C VAL A 289 28.08 12.09 -20.86
N ASP A 290 28.93 12.98 -20.35
CA ASP A 290 29.98 13.59 -21.17
C ASP A 290 31.15 12.65 -21.39
N LYS A 291 31.86 12.31 -20.32
CA LYS A 291 33.07 11.50 -20.41
C LYS A 291 32.78 10.07 -20.87
N LYS A 292 32.24 9.25 -19.97
CA LYS A 292 32.02 7.84 -20.26
C LYS A 292 30.91 7.61 -21.28
N ARG A 293 30.03 8.59 -21.43
CA ARG A 293 28.93 8.55 -22.39
C ARG A 293 28.07 7.31 -22.20
N LEU A 294 27.91 6.88 -20.95
CA LEU A 294 27.07 5.74 -20.62
C LEU A 294 25.60 6.14 -20.63
N ALA A 295 25.32 7.35 -20.18
CA ALA A 295 23.94 7.82 -20.04
C ALA A 295 23.61 8.95 -21.02
N SER A 296 22.40 8.92 -21.56
CA SER A 296 21.91 10.01 -22.39
C SER A 296 21.37 11.11 -21.47
N GLN A 297 20.69 10.69 -20.41
CA GLN A 297 20.18 11.60 -19.40
C GLN A 297 20.57 11.12 -18.00
N ALA A 298 21.03 12.03 -17.16
CA ALA A 298 21.39 11.70 -15.79
C ALA A 298 21.31 12.94 -14.90
N PHE A 299 20.60 12.82 -13.78
CA PHE A 299 20.40 13.95 -12.88
C PHE A 299 19.98 13.51 -11.48
N SER A 300 20.02 14.45 -10.53
CA SER A 300 19.57 14.19 -9.17
C SER A 300 18.58 15.26 -8.72
N HIS A 301 17.82 14.96 -7.68
CA HIS A 301 16.85 15.90 -7.14
C HIS A 301 16.51 15.63 -5.68
N ASN A 302 16.98 16.50 -4.80
CA ASN A 302 16.63 16.41 -3.38
C ASN A 302 15.21 16.90 -3.16
N MSE A 303 14.25 15.99 -3.26
CA MSE A 303 12.85 16.34 -3.06
C MSE A 303 12.65 16.77 -1.63
O MSE A 303 13.09 16.09 -0.70
CB MSE A 303 11.95 15.17 -3.43
CG MSE A 303 12.32 14.54 -4.76
SE MSE A 303 10.82 13.67 -5.60
CE MSE A 303 11.36 13.88 -7.46
N GLN A 304 12.00 17.90 -1.43
CA GLN A 304 11.78 18.40 -0.08
C GLN A 304 10.32 18.16 0.31
N LEU A 305 9.99 16.88 0.44
CA LEU A 305 8.64 16.48 0.82
C LEU A 305 8.38 16.81 2.28
N GLN A 306 7.11 17.02 2.60
CA GLN A 306 6.70 17.41 3.94
C GLN A 306 7.13 16.38 4.98
N ASP A 307 6.74 15.13 4.76
CA ASP A 307 7.15 14.04 5.63
C ASP A 307 8.51 13.50 5.21
N GLU A 308 8.82 12.27 5.61
CA GLU A 308 10.11 11.67 5.29
C GLU A 308 10.32 11.61 3.78
N SER A 309 11.30 12.37 3.30
CA SER A 309 11.52 12.55 1.88
C SER A 309 12.56 11.58 1.32
N VAL A 310 13.03 11.86 0.11
CA VAL A 310 13.97 10.98 -0.57
C VAL A 310 14.88 11.76 -1.51
N PHE A 311 16.18 11.43 -1.48
CA PHE A 311 17.12 11.99 -2.43
C PHE A 311 17.15 11.09 -3.66
N LEU A 312 16.85 11.65 -4.82
CA LEU A 312 16.58 10.83 -6.00
C LEU A 312 17.63 10.97 -7.10
N PHE A 313 18.11 9.84 -7.59
CA PHE A 313 18.95 9.80 -8.79
C PHE A 313 18.19 9.11 -9.91
N ILE A 314 18.20 9.71 -11.10
CA ILE A 314 17.58 9.08 -12.26
C ILE A 314 18.50 9.14 -13.48
N ALA A 315 18.62 8.02 -14.18
CA ALA A 315 19.48 7.96 -15.37
C ALA A 315 18.93 7.00 -16.41
N GLY A 316 18.92 7.45 -17.66
CA GLY A 316 18.50 6.63 -18.78
C GLY A 316 19.63 6.45 -19.76
N GLY A 317 20.34 5.32 -19.65
CA GLY A 317 21.55 5.09 -20.43
C GLY A 317 21.37 5.06 -21.93
N ASN A 318 22.47 5.21 -22.64
CA ASN A 318 22.50 5.08 -24.10
C ASN A 318 22.11 3.66 -24.52
N PRO A 319 21.71 3.47 -25.79
CA PRO A 319 21.33 2.15 -26.29
C PRO A 319 22.35 1.05 -25.97
N ASN A 320 21.84 -0.16 -25.71
CA ASN A 320 22.67 -1.33 -25.40
C ASN A 320 23.56 -1.15 -24.18
N ILE A 321 23.11 -0.36 -23.22
CA ILE A 321 23.83 -0.17 -21.96
C ILE A 321 22.95 -0.60 -20.78
N LYS A 322 23.42 -1.59 -20.03
CA LYS A 322 22.66 -2.13 -18.91
C LYS A 322 22.51 -1.12 -17.77
N ALA A 323 21.41 -1.22 -17.03
CA ALA A 323 21.14 -0.30 -15.94
C ALA A 323 21.99 -0.64 -14.71
N GLU A 324 22.51 -1.85 -14.67
CA GLU A 324 23.38 -2.28 -13.59
C GLU A 324 24.71 -1.54 -13.65
N ALA A 325 25.11 -1.15 -14.87
CA ALA A 325 26.33 -0.38 -15.07
C ALA A 325 26.12 1.07 -14.64
N LEU A 326 24.90 1.58 -14.86
CA LEU A 326 24.56 2.93 -14.46
C LEU A 326 24.56 3.04 -12.94
N GLN A 327 23.89 2.11 -12.28
CA GLN A 327 23.84 2.07 -10.82
C GLN A 327 25.24 1.95 -10.24
N LYS A 328 26.05 1.07 -10.83
CA LYS A 328 27.41 0.83 -10.36
C LYS A 328 28.27 2.08 -10.45
N GLU A 329 28.02 2.90 -11.48
CA GLU A 329 28.80 4.11 -11.68
C GLU A 329 28.29 5.28 -10.85
N ILE A 330 26.99 5.33 -10.59
CA ILE A 330 26.43 6.33 -9.69
C ILE A 330 26.93 6.06 -8.28
N VAL A 331 26.95 4.78 -7.90
CA VAL A 331 27.46 4.38 -6.60
C VAL A 331 28.94 4.73 -6.50
N ALA A 332 29.69 4.50 -7.58
CA ALA A 332 31.10 4.84 -7.64
C ALA A 332 31.33 6.33 -7.37
N LEU A 333 30.46 7.16 -7.93
CA LEU A 333 30.51 8.59 -7.69
C LEU A 333 30.21 8.92 -6.23
N LEU A 334 29.18 8.28 -5.69
CA LEU A 334 28.77 8.51 -4.31
C LEU A 334 29.83 8.05 -3.31
N GLU A 335 30.53 6.97 -3.65
CA GLU A 335 31.57 6.45 -2.78
C GLU A 335 32.78 7.40 -2.78
N LYS A 336 33.05 8.00 -3.94
CA LYS A 336 34.09 9.03 -4.04
C LYS A 336 33.67 10.25 -3.23
N LEU A 337 32.37 10.53 -3.23
CA LEU A 337 31.82 11.64 -2.46
C LEU A 337 31.99 11.40 -0.96
N LYS A 338 31.60 10.22 -0.51
CA LYS A 338 31.68 9.87 0.90
C LYS A 338 33.13 9.80 1.39
N LYS A 339 34.05 9.61 0.46
CA LYS A 339 35.48 9.63 0.80
C LYS A 339 35.94 11.05 1.11
N GLY A 340 35.13 12.03 0.69
CA GLY A 340 35.42 13.42 0.97
C GLY A 340 36.06 14.14 -0.20
N GLU A 341 36.06 13.51 -1.36
CA GLU A 341 36.69 14.09 -2.54
C GLU A 341 35.86 15.23 -3.15
N ILE A 342 35.86 16.37 -2.47
CA ILE A 342 35.24 17.58 -2.98
C ILE A 342 36.26 18.73 -2.98
N THR A 343 36.49 19.33 -4.14
CA THR A 343 37.43 20.44 -4.21
C THR A 343 36.80 21.73 -3.70
N GLN A 344 37.65 22.66 -3.26
CA GLN A 344 37.19 23.95 -2.80
C GLN A 344 36.51 24.71 -3.94
N ALA A 345 37.03 24.53 -5.15
CA ALA A 345 36.49 25.19 -6.32
C ALA A 345 35.07 24.73 -6.62
N GLU A 346 34.81 23.44 -6.46
CA GLU A 346 33.47 22.91 -6.63
C GLU A 346 32.51 23.50 -5.60
N LEU A 347 32.94 23.51 -4.34
CA LEU A 347 32.17 24.09 -3.26
C LEU A 347 31.95 25.58 -3.49
N ASP A 348 32.93 26.21 -4.12
CA ASP A 348 32.87 27.64 -4.41
C ASP A 348 31.93 27.92 -5.59
N LYS A 349 32.05 27.11 -6.64
CA LYS A 349 31.26 27.32 -7.85
C LYS A 349 29.77 27.12 -7.58
N ILE A 350 29.45 26.16 -6.73
CA ILE A 350 28.05 25.91 -6.37
C ILE A 350 27.53 27.04 -5.49
N LYS A 351 28.41 27.58 -4.65
CA LYS A 351 28.04 28.67 -3.75
C LYS A 351 27.80 29.98 -4.51
N ILE A 352 28.61 30.25 -5.52
CA ILE A 352 28.46 31.47 -6.30
C ILE A 352 27.31 31.36 -7.28
N ASN A 353 27.02 30.15 -7.73
CA ASN A 353 25.88 29.92 -8.61
C ASN A 353 24.56 30.03 -7.85
N GLN A 354 24.63 29.79 -6.55
CA GLN A 354 23.44 29.92 -5.70
C GLN A 354 23.11 31.39 -5.47
N LYS A 355 24.15 32.21 -5.29
CA LYS A 355 23.98 33.65 -5.20
C LYS A 355 23.34 34.20 -6.47
N ALA A 356 23.77 33.69 -7.61
CA ALA A 356 23.27 34.12 -8.91
C ALA A 356 21.82 33.72 -9.13
N ASP A 357 21.52 32.46 -8.87
CA ASP A 357 20.17 31.94 -9.05
C ASP A 357 19.18 32.58 -8.09
N PHE A 358 19.67 32.98 -6.92
CA PHE A 358 18.81 33.58 -5.90
C PHE A 358 18.30 34.95 -6.33
N ILE A 359 19.22 35.85 -6.65
CA ILE A 359 18.86 37.21 -7.06
C ILE A 359 18.08 37.23 -8.38
N SER A 360 18.34 36.25 -9.24
CA SER A 360 17.64 36.17 -10.52
C SER A 360 16.16 35.87 -10.32
N ASN A 361 15.85 35.21 -9.20
CA ASN A 361 14.47 34.87 -8.87
C ASN A 361 13.73 36.00 -8.15
N LEU A 362 14.50 36.88 -7.51
CA LEU A 362 13.94 38.03 -6.83
C LEU A 362 13.35 39.04 -7.82
N GLU A 363 13.75 38.90 -9.08
CA GLU A 363 13.27 39.79 -10.12
C GLU A 363 11.82 39.49 -10.48
N SER A 364 11.53 38.23 -10.76
CA SER A 364 10.19 37.82 -11.17
C SER A 364 9.32 37.45 -9.97
N SER A 365 8.08 37.94 -9.97
CA SER A 365 7.15 37.70 -8.88
C SER A 365 6.71 36.23 -8.84
N SER A 366 6.80 35.57 -9.99
CA SER A 366 6.41 34.17 -10.10
C SER A 366 7.41 33.26 -9.41
N ASP A 367 8.69 33.61 -9.47
CA ASP A 367 9.74 32.83 -8.82
C ASP A 367 9.68 33.01 -7.30
N VAL A 368 9.40 34.24 -6.88
CA VAL A 368 9.33 34.56 -5.45
C VAL A 368 8.15 33.85 -4.77
N ALA A 369 6.98 33.91 -5.40
CA ALA A 369 5.78 33.29 -4.84
C ALA A 369 5.96 31.78 -4.71
N GLY A 370 6.74 31.20 -5.62
CA GLY A 370 7.04 29.78 -5.58
C GLY A 370 7.83 29.41 -4.32
N LEU A 371 8.74 30.30 -3.92
CA LEU A 371 9.52 30.09 -2.71
C LEU A 371 8.64 30.05 -1.47
N PHE A 372 7.90 31.13 -1.23
CA PHE A 372 7.04 31.24 -0.07
C PHE A 372 5.98 30.14 -0.01
N ALA A 373 5.39 29.81 -1.15
CA ALA A 373 4.32 28.82 -1.23
C ALA A 373 4.73 27.48 -0.63
N ASP A 374 5.95 27.05 -0.92
CA ASP A 374 6.46 25.79 -0.41
C ASP A 374 6.75 25.86 1.08
N TYR A 375 6.96 27.07 1.59
CA TYR A 375 7.31 27.26 3.00
C TYR A 375 6.13 27.77 3.83
N LEU A 376 5.15 28.38 3.17
CA LEU A 376 3.95 28.84 3.86
C LEU A 376 3.12 27.65 4.35
N VAL A 377 3.00 26.65 3.50
CA VAL A 377 2.19 25.47 3.80
C VAL A 377 2.82 24.61 4.88
N GLN A 378 4.12 24.81 5.11
CA GLN A 378 4.82 24.07 6.16
C GLN A 378 4.95 24.92 7.41
N ASN A 379 4.58 26.19 7.29
CA ASN A 379 4.81 27.18 8.34
C ASN A 379 6.27 27.16 8.77
N ASP A 380 7.16 27.33 7.79
CA ASP A 380 8.58 27.35 8.04
C ASP A 380 9.20 28.54 7.33
N LEU A 381 8.58 29.70 7.48
CA LEU A 381 9.07 30.93 6.86
C LEU A 381 10.41 31.33 7.43
N GLN A 382 10.64 30.96 8.69
CA GLN A 382 11.91 31.26 9.36
C GLN A 382 13.05 30.48 8.72
N GLY A 383 12.73 29.28 8.22
CA GLY A 383 13.70 28.46 7.53
C GLY A 383 14.05 29.03 6.18
N LEU A 384 13.10 29.75 5.58
CA LEU A 384 13.30 30.38 4.28
C LEU A 384 14.25 31.57 4.36
N THR A 385 14.06 32.41 5.36
CA THR A 385 14.86 33.63 5.50
C THR A 385 16.30 33.31 5.88
N ASP A 386 16.49 32.21 6.63
CA ASP A 386 17.82 31.83 7.08
C ASP A 386 18.50 30.86 6.11
N TYR A 387 17.92 30.69 4.93
CA TYR A 387 18.42 29.73 3.96
C TYR A 387 19.80 30.11 3.42
N GLN A 388 19.91 31.31 2.88
CA GLN A 388 21.15 31.77 2.25
C GLN A 388 22.33 31.81 3.22
N GLN A 389 22.10 32.35 4.42
CA GLN A 389 23.15 32.44 5.43
C GLN A 389 23.65 31.06 5.87
N GLN A 390 22.73 30.11 5.95
CA GLN A 390 23.09 28.73 6.28
C GLN A 390 23.71 28.01 5.08
N PHE A 391 23.36 28.48 3.88
CA PHE A 391 23.84 27.85 2.66
C PHE A 391 25.28 28.27 2.35
N LEU A 392 25.55 29.56 2.43
CA LEU A 392 26.87 30.09 2.10
C LEU A 392 27.89 29.74 3.17
N ASP A 393 27.41 29.37 4.36
CA ASP A 393 28.29 28.98 5.45
C ASP A 393 28.56 27.48 5.43
N LEU A 394 28.08 26.80 4.40
CA LEU A 394 28.34 25.37 4.22
C LEU A 394 29.80 25.11 3.87
N LYS A 395 30.39 24.13 4.55
CA LYS A 395 31.74 23.69 4.22
C LYS A 395 31.68 22.28 3.63
N VAL A 396 32.79 21.80 3.09
CA VAL A 396 32.86 20.46 2.52
C VAL A 396 32.53 19.43 3.60
N SER A 397 32.96 19.71 4.82
CA SER A 397 32.68 18.85 5.97
C SER A 397 31.18 18.56 6.10
N ASP A 398 30.36 19.55 5.77
CA ASP A 398 28.91 19.42 5.86
C ASP A 398 28.34 18.55 4.75
N LEU A 399 28.91 18.68 3.55
CA LEU A 399 28.43 17.90 2.41
C LEU A 399 28.86 16.44 2.50
N VAL A 400 29.88 16.17 3.31
CA VAL A 400 30.38 14.81 3.48
C VAL A 400 29.68 14.13 4.65
N ARG A 401 29.41 14.89 5.71
CA ARG A 401 28.66 14.37 6.86
C ARG A 401 27.29 13.89 6.44
N VAL A 402 26.62 14.70 5.62
CA VAL A 402 25.28 14.39 5.14
C VAL A 402 25.32 13.20 4.18
N ALA A 403 26.34 13.18 3.33
CA ALA A 403 26.53 12.08 2.37
C ALA A 403 26.61 10.73 3.06
N ASN A 404 27.57 10.58 3.97
CA ASN A 404 27.73 9.33 4.71
C ASN A 404 26.56 9.04 5.65
N GLU A 405 25.70 10.03 5.85
CA GLU A 405 24.57 9.90 6.76
C GLU A 405 23.36 9.24 6.11
N TYR A 406 23.04 9.67 4.89
CA TYR A 406 21.80 9.24 4.25
C TYR A 406 22.03 8.37 3.02
N PHE A 407 23.23 8.44 2.45
CA PHE A 407 23.52 7.67 1.25
C PHE A 407 24.05 6.29 1.59
N LYS A 408 23.32 5.58 2.45
CA LYS A 408 23.63 4.20 2.81
C LYS A 408 22.78 3.25 1.98
N ASP A 409 23.31 2.07 1.69
CA ASP A 409 22.55 1.08 0.93
C ASP A 409 21.35 0.58 1.72
N THR A 410 21.41 0.71 3.04
CA THR A 410 20.33 0.27 3.91
C THR A 410 19.13 1.22 3.87
N GLN A 411 19.32 2.39 3.27
CA GLN A 411 18.23 3.34 3.05
C GLN A 411 18.01 3.55 1.56
N SER A 412 18.68 2.72 0.75
CA SER A 412 18.63 2.86 -0.69
C SER A 412 17.43 2.12 -1.28
N THR A 413 16.89 2.68 -2.36
CA THR A 413 15.83 2.02 -3.11
C THR A 413 16.15 2.12 -4.60
N THR A 414 16.37 0.98 -5.23
CA THR A 414 16.82 0.95 -6.61
C THR A 414 15.77 0.34 -7.53
N VAL A 415 15.50 0.99 -8.65
CA VAL A 415 14.55 0.46 -9.62
C VAL A 415 15.16 0.45 -11.02
N PHE A 416 15.12 -0.73 -11.67
CA PHE A 416 15.63 -0.87 -13.03
C PHE A 416 14.48 -0.93 -14.04
N LEU A 417 14.60 -0.17 -15.13
CA LEU A 417 13.61 -0.20 -16.19
C LEU A 417 14.19 -0.82 -17.45
N LYS A 418 13.73 -2.02 -17.78
CA LYS A 418 14.26 -2.77 -18.91
C LYS A 418 13.19 -3.05 -19.96
N PRO A 419 13.63 -3.28 -21.22
CA PRO A 419 12.70 -3.73 -22.26
C PRO A 419 12.12 -5.12 -21.94
N TYR B 4 -15.84 -40.78 -3.27
CA TYR B 4 -15.39 -41.15 -1.93
C TYR B 4 -15.55 -39.98 -0.96
N LEU B 5 -15.57 -38.77 -1.51
CA LEU B 5 -15.78 -37.56 -0.70
C LEU B 5 -17.22 -37.52 -0.21
N PRO B 6 -17.42 -37.26 1.10
CA PRO B 6 -18.73 -37.23 1.75
C PRO B 6 -19.77 -36.41 1.01
N LYS B 7 -20.96 -36.98 0.80
CA LYS B 7 -22.06 -36.25 0.20
C LYS B 7 -22.55 -35.17 1.16
N HIS B 8 -23.23 -34.17 0.64
CA HIS B 8 -23.71 -33.06 1.45
C HIS B 8 -25.06 -32.55 0.98
N GLU B 9 -25.70 -31.74 1.83
CA GLU B 9 -26.95 -31.09 1.44
C GLU B 9 -26.88 -29.59 1.77
N SER B 10 -27.21 -28.77 0.78
CA SER B 10 -27.16 -27.31 0.95
C SER B 10 -28.54 -26.69 0.94
N VAL B 11 -28.73 -25.68 1.78
CA VAL B 11 -29.97 -24.92 1.84
C VAL B 11 -29.67 -23.45 2.07
N THR B 12 -30.24 -22.59 1.25
CA THR B 12 -30.11 -21.14 1.43
C THR B 12 -31.36 -20.59 2.10
N LEU B 13 -31.16 -19.81 3.15
CA LEU B 13 -32.27 -19.24 3.93
C LEU B 13 -32.79 -17.96 3.28
N LYS B 14 -33.88 -17.42 3.84
CA LYS B 14 -34.54 -16.27 3.24
C LYS B 14 -33.73 -14.99 3.41
N ASN B 15 -32.67 -15.05 4.19
CA ASN B 15 -31.80 -13.90 4.40
C ASN B 15 -30.47 -14.06 3.68
N GLY B 16 -30.37 -15.11 2.87
CA GLY B 16 -29.17 -15.34 2.08
C GLY B 16 -28.12 -16.19 2.76
N LEU B 17 -28.39 -16.59 4.01
CA LEU B 17 -27.47 -17.44 4.75
C LEU B 17 -27.46 -18.85 4.16
N GLN B 18 -26.28 -19.35 3.86
CA GLN B 18 -26.13 -20.71 3.33
C GLN B 18 -25.89 -21.70 4.46
N VAL B 19 -26.61 -22.82 4.42
CA VAL B 19 -26.46 -23.86 5.43
C VAL B 19 -26.01 -25.16 4.79
N VAL B 20 -24.84 -25.65 5.20
CA VAL B 20 -24.29 -26.87 4.63
C VAL B 20 -24.13 -27.96 5.68
N SER B 21 -24.78 -29.09 5.44
CA SER B 21 -24.71 -30.24 6.33
C SER B 21 -23.89 -31.36 5.69
N VAL B 22 -22.87 -31.83 6.39
CA VAL B 22 -22.04 -32.91 5.89
C VAL B 22 -22.05 -34.08 6.87
N PRO B 23 -23.05 -34.97 6.76
CA PRO B 23 -23.20 -36.10 7.67
C PRO B 23 -22.05 -37.09 7.58
N LEU B 24 -21.73 -37.71 8.72
CA LEU B 24 -20.72 -38.76 8.76
C LEU B 24 -21.23 -39.93 9.61
N GLU B 25 -21.74 -40.96 8.94
CA GLU B 25 -22.22 -42.15 9.62
C GLU B 25 -21.07 -42.86 10.34
N ASN B 26 -19.96 -43.02 9.62
CA ASN B 26 -18.74 -43.59 10.20
C ASN B 26 -18.11 -42.67 11.24
N LYS B 27 -18.93 -42.28 12.22
CA LYS B 27 -18.54 -41.41 13.31
C LYS B 27 -19.67 -41.44 14.33
N THR B 28 -19.35 -41.29 15.61
CA THR B 28 -20.39 -41.41 16.63
C THR B 28 -20.38 -40.26 17.63
N GLY B 29 -21.44 -39.45 17.55
CA GLY B 29 -21.62 -38.35 18.48
C GLY B 29 -20.91 -37.08 18.07
N VAL B 30 -19.64 -37.22 17.69
CA VAL B 30 -18.78 -36.07 17.43
C VAL B 30 -19.20 -35.25 16.21
N ILE B 31 -19.37 -33.95 16.41
CA ILE B 31 -19.66 -33.03 15.30
C ILE B 31 -18.83 -31.76 15.42
N GLU B 32 -18.87 -30.95 14.37
CA GLU B 32 -18.27 -29.62 14.42
C GLU B 32 -19.23 -28.58 13.81
N VAL B 33 -19.46 -27.51 14.55
CA VAL B 33 -20.38 -26.46 14.10
C VAL B 33 -19.60 -25.25 13.59
N ASP B 34 -19.63 -25.03 12.28
CA ASP B 34 -18.88 -23.94 11.67
C ASP B 34 -19.73 -22.75 11.27
N VAL B 35 -19.20 -21.55 11.51
CA VAL B 35 -19.76 -20.33 10.95
C VAL B 35 -18.69 -19.61 10.15
N LEU B 36 -18.87 -19.56 8.83
CA LEU B 36 -17.90 -18.94 7.96
C LEU B 36 -18.37 -17.56 7.49
N TYR B 37 -17.51 -16.56 7.63
CA TYR B 37 -17.78 -15.26 7.07
C TYR B 37 -16.86 -14.99 5.89
N LYS B 38 -17.42 -14.60 4.76
CA LYS B 38 -16.63 -14.31 3.58
C LYS B 38 -15.91 -12.97 3.71
N VAL B 39 -15.12 -12.85 4.78
CA VAL B 39 -14.35 -11.64 5.05
C VAL B 39 -12.93 -11.96 5.46
N GLY B 40 -12.00 -11.11 5.08
CA GLY B 40 -10.61 -11.28 5.47
C GLY B 40 -9.88 -9.96 5.37
N SER B 41 -8.56 -10.02 5.33
CA SER B 41 -7.75 -8.83 5.20
C SER B 41 -7.88 -8.25 3.79
N ARG B 42 -8.38 -9.06 2.86
CA ARG B 42 -8.52 -8.64 1.47
C ARG B 42 -9.68 -7.67 1.32
N ASN B 43 -10.55 -7.61 2.34
CA ASN B 43 -11.67 -6.69 2.34
C ASN B 43 -11.35 -5.42 3.13
N GLU B 44 -10.08 -5.25 3.48
CA GLU B 44 -9.65 -4.08 4.22
C GLU B 44 -9.00 -3.05 3.30
N VAL B 45 -8.63 -1.91 3.87
CA VAL B 45 -7.98 -0.83 3.13
C VAL B 45 -6.83 -0.28 3.98
N MSE B 46 -5.70 0.01 3.36
CA MSE B 46 -4.54 0.50 4.10
C MSE B 46 -4.85 1.82 4.81
O MSE B 46 -5.31 2.78 4.18
CB MSE B 46 -3.33 0.65 3.19
CG MSE B 46 -2.01 0.79 3.95
SE MSE B 46 -0.43 0.57 2.83
CE MSE B 46 -0.72 2.08 1.62
N GLY B 47 -4.58 1.86 6.10
CA GLY B 47 -5.01 2.97 6.94
C GLY B 47 -6.03 2.44 7.93
N LYS B 48 -6.75 1.41 7.52
CA LYS B 48 -7.75 0.75 8.36
C LYS B 48 -7.62 -0.77 8.26
N SER B 49 -6.38 -1.26 8.33
CA SER B 49 -6.12 -2.69 8.16
C SER B 49 -6.08 -3.43 9.50
N GLY B 50 -6.23 -4.75 9.44
CA GLY B 50 -6.24 -5.57 10.64
C GLY B 50 -7.57 -5.61 11.35
N ILE B 51 -8.58 -4.94 10.78
CA ILE B 51 -9.89 -4.84 11.40
C ILE B 51 -10.63 -6.18 11.38
N ALA B 52 -10.51 -6.89 10.27
CA ALA B 52 -11.14 -8.21 10.14
C ALA B 52 -10.65 -9.14 11.24
N HIS B 53 -9.37 -9.02 11.58
CA HIS B 53 -8.75 -9.80 12.63
C HIS B 53 -9.20 -9.35 14.02
N MSE B 54 -9.36 -8.04 14.21
CA MSE B 54 -9.82 -7.50 15.48
C MSE B 54 -11.21 -8.03 15.83
O MSE B 54 -11.48 -8.38 16.98
CB MSE B 54 -9.84 -5.96 15.44
CG MSE B 54 -10.50 -5.29 16.65
SE MSE B 54 -9.48 -5.40 18.32
CE MSE B 54 -10.61 -4.27 19.44
N LEU B 55 -12.07 -8.13 14.83
CA LEU B 55 -13.42 -8.65 14.99
C LEU B 55 -13.44 -10.08 15.52
N GLU B 56 -12.39 -10.83 15.23
CA GLU B 56 -12.26 -12.18 15.77
C GLU B 56 -12.21 -12.14 17.29
N HIS B 57 -11.45 -11.19 17.83
CA HIS B 57 -11.33 -11.02 19.27
C HIS B 57 -12.64 -10.52 19.87
N LEU B 58 -13.28 -9.57 19.19
CA LEU B 58 -14.49 -8.93 19.70
C LEU B 58 -15.72 -9.81 19.58
N ASN B 59 -15.64 -10.84 18.75
CA ASN B 59 -16.77 -11.73 18.51
C ASN B 59 -17.14 -12.54 19.75
N PHE B 60 -16.21 -12.62 20.71
CA PHE B 60 -16.44 -13.37 21.93
C PHE B 60 -16.69 -12.43 23.11
N LYS B 61 -17.09 -11.21 22.80
CA LYS B 61 -17.47 -10.25 23.83
C LYS B 61 -18.97 -10.27 24.03
N SER B 62 -19.50 -9.26 24.71
CA SER B 62 -20.90 -9.25 25.11
C SER B 62 -21.87 -9.15 23.95
N THR B 63 -23.01 -9.81 24.10
CA THR B 63 -24.11 -9.71 23.14
C THR B 63 -25.39 -9.32 23.89
N LYS B 64 -26.55 -9.54 23.26
CA LYS B 64 -27.82 -9.18 23.88
C LYS B 64 -28.11 -10.06 25.09
N ASN B 65 -27.69 -11.32 25.03
CA ASN B 65 -27.96 -12.26 26.11
C ASN B 65 -26.68 -12.73 26.81
N LEU B 66 -25.59 -12.77 26.07
CA LEU B 66 -24.31 -13.22 26.61
C LEU B 66 -23.45 -12.08 27.14
N LYS B 67 -22.82 -12.31 28.28
CA LYS B 67 -21.81 -11.38 28.80
C LYS B 67 -20.48 -11.70 28.12
N ALA B 68 -19.51 -10.79 28.23
CA ALA B 68 -18.21 -10.98 27.59
C ALA B 68 -17.51 -12.20 28.20
N GLY B 69 -17.25 -13.19 27.35
CA GLY B 69 -16.58 -14.40 27.80
C GLY B 69 -17.54 -15.48 28.24
N GLU B 70 -18.83 -15.17 28.27
CA GLU B 70 -19.86 -16.13 28.65
C GLU B 70 -20.04 -17.17 27.54
N PHE B 71 -19.69 -16.78 26.31
CA PHE B 71 -19.68 -17.71 25.19
C PHE B 71 -18.75 -18.88 25.49
N ASP B 72 -17.50 -18.57 25.82
CA ASP B 72 -16.51 -19.60 26.12
C ASP B 72 -16.90 -20.45 27.31
N LYS B 73 -17.39 -19.79 28.37
CA LYS B 73 -17.80 -20.48 29.58
C LYS B 73 -18.88 -21.52 29.30
N ILE B 74 -19.88 -21.13 28.51
CA ILE B 74 -20.95 -22.04 28.13
C ILE B 74 -20.43 -23.21 27.30
N VAL B 75 -19.57 -22.93 26.34
CA VAL B 75 -19.00 -23.98 25.48
C VAL B 75 -18.21 -24.97 26.31
N LYS B 76 -17.33 -24.45 27.16
CA LYS B 76 -16.50 -25.29 28.01
C LYS B 76 -17.35 -26.10 28.99
N ARG B 77 -18.51 -25.56 29.35
CA ARG B 77 -19.40 -26.22 30.30
C ARG B 77 -19.93 -27.56 29.76
N PHE B 78 -20.23 -27.63 28.46
CA PHE B 78 -20.64 -28.91 27.89
C PHE B 78 -19.45 -29.60 27.22
N GLY B 79 -18.25 -29.31 27.71
CA GLY B 79 -17.05 -29.99 27.28
C GLY B 79 -16.71 -29.79 25.82
N GLY B 80 -17.08 -28.64 25.30
CA GLY B 80 -16.80 -28.33 23.90
C GLY B 80 -15.47 -27.63 23.71
N VAL B 81 -15.11 -27.43 22.44
CA VAL B 81 -13.91 -26.69 22.09
C VAL B 81 -14.24 -25.66 21.01
N SER B 82 -13.92 -24.40 21.27
CA SER B 82 -14.22 -23.34 20.30
C SER B 82 -12.98 -22.53 19.94
N ASN B 83 -12.55 -22.63 18.69
CA ASN B 83 -11.46 -21.80 18.19
C ASN B 83 -11.95 -20.88 17.08
N ALA B 84 -11.10 -19.94 16.69
CA ALA B 84 -11.41 -19.01 15.61
C ALA B 84 -10.13 -18.63 14.87
N SER B 85 -10.27 -18.26 13.61
CA SER B 85 -9.13 -17.84 12.81
C SER B 85 -9.54 -16.92 11.69
N THR B 86 -8.73 -15.89 11.45
CA THR B 86 -8.92 -15.00 10.32
C THR B 86 -7.74 -15.09 9.38
N SER B 87 -8.01 -15.19 8.08
CA SER B 87 -6.94 -15.22 7.10
C SER B 87 -7.14 -14.08 6.11
N PHE B 88 -6.50 -14.19 4.96
CA PHE B 88 -6.60 -13.18 3.92
C PHE B 88 -8.02 -13.06 3.37
N ASP B 89 -8.71 -14.20 3.27
CA ASP B 89 -9.96 -14.26 2.51
C ASP B 89 -11.18 -14.64 3.34
N ILE B 90 -10.96 -15.38 4.42
CA ILE B 90 -12.07 -15.97 5.16
C ILE B 90 -11.90 -15.83 6.68
N THR B 91 -12.98 -15.44 7.35
CA THR B 91 -13.04 -15.48 8.81
C THR B 91 -13.84 -16.70 9.24
N ARG B 92 -13.30 -17.49 10.16
CA ARG B 92 -13.88 -18.79 10.47
C ARG B 92 -13.99 -19.09 11.97
N TYR B 93 -15.19 -19.44 12.40
CA TYR B 93 -15.45 -19.84 13.78
C TYR B 93 -16.00 -21.26 13.83
N PHE B 94 -15.62 -22.04 14.83
CA PHE B 94 -16.17 -23.40 14.96
C PHE B 94 -16.17 -23.92 16.38
N ILE B 95 -17.17 -24.75 16.70
CA ILE B 95 -17.27 -25.41 17.99
C ILE B 95 -17.12 -26.92 17.82
N LYS B 96 -16.22 -27.52 18.60
CA LYS B 96 -16.05 -28.97 18.62
C LYS B 96 -16.86 -29.57 19.77
N THR B 97 -17.87 -30.36 19.44
CA THR B 97 -18.70 -30.98 20.47
C THR B 97 -19.45 -32.20 19.94
N SER B 98 -20.52 -32.57 20.63
CA SER B 98 -21.36 -33.69 20.18
C SER B 98 -22.68 -33.17 19.61
N GLU B 99 -23.49 -34.06 19.07
CA GLU B 99 -24.74 -33.66 18.45
C GLU B 99 -25.76 -33.19 19.49
N ALA B 100 -25.54 -33.59 20.73
CA ALA B 100 -26.42 -33.17 21.82
C ALA B 100 -26.29 -31.68 22.08
N ASN B 101 -25.14 -31.11 21.71
CA ASN B 101 -24.89 -29.69 21.91
C ASN B 101 -24.95 -28.90 20.60
N LEU B 102 -25.50 -29.52 19.56
CA LEU B 102 -25.69 -28.85 18.29
C LEU B 102 -26.63 -27.66 18.42
N ASP B 103 -27.71 -27.85 19.17
CA ASP B 103 -28.73 -26.81 19.33
C ASP B 103 -28.18 -25.59 20.08
N LYS B 104 -27.50 -25.84 21.20
CA LYS B 104 -26.93 -24.75 21.97
C LYS B 104 -25.83 -24.04 21.22
N SER B 105 -25.06 -24.78 20.44
CA SER B 105 -23.97 -24.23 19.65
C SER B 105 -24.50 -23.27 18.58
N LEU B 106 -25.58 -23.67 17.92
CA LEU B 106 -26.22 -22.83 16.92
C LEU B 106 -26.81 -21.57 17.56
N GLU B 107 -27.32 -21.72 18.78
CA GLU B 107 -27.86 -20.58 19.52
C GLU B 107 -26.78 -19.55 19.81
N LEU B 108 -25.64 -20.04 20.29
CA LEU B 108 -24.51 -19.18 20.63
C LEU B 108 -23.98 -18.42 19.41
N PHE B 109 -23.97 -19.08 18.26
CA PHE B 109 -23.45 -18.46 17.04
C PHE B 109 -24.45 -17.45 16.47
N ALA B 110 -25.73 -17.74 16.61
CA ALA B 110 -26.76 -16.79 16.20
C ALA B 110 -26.71 -15.58 17.12
N GLU B 111 -26.33 -15.83 18.37
CA GLU B 111 -26.24 -14.80 19.39
C GLU B 111 -25.14 -13.78 19.10
N THR B 112 -24.10 -14.20 18.36
CA THR B 112 -22.98 -13.32 18.05
C THR B 112 -23.06 -12.74 16.64
N MSE B 113 -23.89 -13.34 15.79
CA MSE B 113 -24.00 -12.90 14.41
C MSE B 113 -24.85 -11.64 14.28
O MSE B 113 -24.37 -10.60 13.83
CB MSE B 113 -24.57 -14.00 13.53
CG MSE B 113 -24.87 -13.57 12.11
SE MSE B 113 -24.79 -15.07 10.85
CE MSE B 113 -26.66 -15.17 10.38
N GLY B 114 -26.11 -11.74 14.67
CA GLY B 114 -27.04 -10.64 14.50
C GLY B 114 -27.48 -10.01 15.80
N SER B 115 -26.61 -10.04 16.80
CA SER B 115 -26.97 -9.59 18.13
C SER B 115 -25.74 -9.10 18.92
N LEU B 116 -24.60 -9.05 18.25
CA LEU B 116 -23.36 -8.63 18.88
C LEU B 116 -23.30 -7.10 19.04
N ASN B 117 -23.31 -6.63 20.28
CA ASN B 117 -23.11 -5.21 20.51
C ASN B 117 -21.64 -4.94 20.83
N LEU B 118 -21.09 -3.91 20.20
CA LEU B 118 -19.67 -3.62 20.32
C LEU B 118 -19.45 -2.40 21.22
N LYS B 119 -19.41 -2.64 22.52
CA LYS B 119 -19.26 -1.56 23.50
C LYS B 119 -17.86 -0.94 23.44
N GLU B 120 -17.81 0.37 23.68
CA GLU B 120 -16.54 1.10 23.71
C GLU B 120 -15.61 0.57 24.80
N ASP B 121 -16.19 0.19 25.93
CA ASP B 121 -15.42 -0.32 27.07
C ASP B 121 -14.85 -1.71 26.80
N GLU B 122 -15.21 -2.30 25.66
CA GLU B 122 -14.68 -3.59 25.25
C GLU B 122 -13.69 -3.42 24.12
N PHE B 123 -13.94 -2.43 23.28
CA PHE B 123 -13.08 -2.14 22.14
C PHE B 123 -11.74 -1.56 22.57
N LEU B 124 -11.77 -0.63 23.52
CA LEU B 124 -10.55 0.05 23.97
C LEU B 124 -9.54 -0.90 24.62
N PRO B 125 -9.97 -1.75 25.58
CA PRO B 125 -8.94 -2.63 26.16
C PRO B 125 -8.47 -3.71 25.20
N GLU B 126 -9.36 -4.19 24.34
CA GLU B 126 -9.02 -5.29 23.44
C GLU B 126 -8.03 -4.84 22.37
N ARG B 127 -8.08 -3.57 22.00
CA ARG B 127 -7.17 -3.04 21.01
C ARG B 127 -5.73 -3.07 21.51
N GLN B 128 -5.56 -2.81 22.80
CA GLN B 128 -4.24 -2.88 23.42
C GLN B 128 -3.70 -4.31 23.36
N VAL B 129 -4.60 -5.28 23.46
CA VAL B 129 -4.23 -6.68 23.37
C VAL B 129 -3.71 -7.02 21.98
N VAL B 130 -4.47 -6.62 20.96
CA VAL B 130 -4.08 -6.91 19.59
C VAL B 130 -2.89 -6.04 19.19
N ALA B 131 -2.67 -4.97 19.95
CA ALA B 131 -1.46 -4.16 19.78
C ALA B 131 -0.26 -4.94 20.29
N GLU B 132 -0.44 -5.67 21.38
CA GLU B 132 0.61 -6.55 21.91
C GLU B 132 0.87 -7.69 20.93
N GLU B 133 -0.21 -8.25 20.38
CA GLU B 133 -0.13 -9.35 19.44
C GLU B 133 0.66 -8.94 18.20
N ARG B 134 0.60 -7.65 17.87
CA ARG B 134 1.34 -7.12 16.73
C ARG B 134 2.83 -6.99 17.06
N ARG B 135 3.15 -6.39 18.20
CA ARG B 135 4.54 -6.15 18.54
C ARG B 135 5.30 -7.44 18.79
N TRP B 136 4.64 -8.38 19.47
CA TRP B 136 5.30 -9.64 19.84
C TRP B 136 5.49 -10.58 18.65
N ARG B 137 4.44 -10.79 17.87
CA ARG B 137 4.47 -11.81 16.83
C ARG B 137 4.70 -11.28 15.41
N THR B 138 5.07 -10.01 15.29
CA THR B 138 5.43 -9.45 14.00
C THR B 138 6.58 -8.45 14.13
N ASP B 139 6.40 -7.45 14.98
CA ASP B 139 7.42 -6.42 15.17
C ASP B 139 8.66 -7.00 15.84
N ASN B 140 8.47 -8.03 16.63
CA ASN B 140 9.59 -8.65 17.35
C ASN B 140 9.56 -10.17 17.20
N SER B 141 9.35 -10.63 15.97
CA SER B 141 9.37 -12.05 15.65
C SER B 141 10.02 -12.29 14.28
N PRO B 142 10.99 -13.20 14.23
CA PRO B 142 11.71 -13.49 12.97
C PRO B 142 10.76 -13.91 11.85
N ILE B 143 10.09 -15.04 12.01
CA ILE B 143 9.21 -15.55 10.97
C ILE B 143 8.03 -14.61 10.73
N GLY B 144 7.61 -13.90 11.78
CA GLY B 144 6.48 -12.98 11.67
C GLY B 144 6.80 -11.75 10.85
N MSE B 145 7.93 -11.11 11.17
CA MSE B 145 8.37 -9.93 10.43
C MSE B 145 8.66 -10.28 8.98
O MSE B 145 8.32 -9.52 8.07
CB MSE B 145 9.62 -9.33 11.08
CG MSE B 145 10.08 -8.02 10.47
SE MSE B 145 8.82 -6.57 10.80
CE MSE B 145 9.87 -5.08 10.09
N LEU B 146 9.30 -11.42 8.76
CA LEU B 146 9.61 -11.91 7.43
C LEU B 146 8.36 -12.14 6.61
N TYR B 147 7.35 -12.71 7.27
CA TYR B 147 6.05 -12.97 6.65
C TYR B 147 5.37 -11.67 6.21
N PHE B 148 5.40 -10.68 7.09
CA PHE B 148 4.76 -9.40 6.84
C PHE B 148 5.50 -8.60 5.76
N ARG B 149 6.80 -8.45 5.93
CA ARG B 149 7.63 -7.68 5.00
C ARG B 149 7.64 -8.31 3.60
N PHE B 150 7.40 -9.61 3.51
CA PHE B 150 7.34 -10.27 2.21
C PHE B 150 6.14 -9.77 1.41
N PHE B 151 4.96 -9.82 2.02
CA PHE B 151 3.74 -9.44 1.33
C PHE B 151 3.73 -7.94 1.00
N ASN B 152 4.43 -7.15 1.81
CA ASN B 152 4.64 -5.74 1.48
C ASN B 152 5.39 -5.58 0.17
N THR B 153 6.30 -6.50 -0.10
CA THR B 153 7.14 -6.43 -1.28
C THR B 153 6.48 -7.07 -2.49
N ALA B 154 5.94 -8.27 -2.30
CA ALA B 154 5.35 -9.05 -3.39
C ALA B 154 4.13 -8.37 -3.99
N TYR B 155 3.32 -7.76 -3.13
CA TYR B 155 2.12 -7.04 -3.57
C TYR B 155 2.26 -5.55 -3.30
N VAL B 156 1.77 -4.74 -4.22
CA VAL B 156 1.94 -3.29 -4.12
C VAL B 156 0.59 -2.59 -3.98
N TYR B 157 -0.43 -3.17 -4.62
CA TYR B 157 -1.72 -2.49 -4.74
C TYR B 157 -2.84 -3.29 -4.09
N HIS B 158 -2.90 -4.58 -4.41
CA HIS B 158 -3.92 -5.47 -3.85
C HIS B 158 -3.78 -5.56 -2.33
N PRO B 159 -4.90 -5.72 -1.61
CA PRO B 159 -4.90 -5.84 -0.16
C PRO B 159 -4.00 -6.94 0.41
N TYR B 160 -3.48 -7.83 -0.44
CA TYR B 160 -2.51 -8.82 0.01
C TYR B 160 -1.16 -8.15 0.27
N HIS B 161 -1.13 -6.83 0.12
CA HIS B 161 0.03 -6.00 0.46
C HIS B 161 0.39 -6.15 1.94
N TRP B 162 -0.60 -6.51 2.75
CA TRP B 162 -0.40 -6.74 4.17
C TRP B 162 -1.08 -8.02 4.64
N THR B 163 -0.50 -8.63 5.67
CA THR B 163 -1.07 -9.82 6.30
C THR B 163 -2.17 -9.40 7.26
N PRO B 164 -3.08 -10.32 7.64
CA PRO B 164 -4.24 -9.95 8.46
C PRO B 164 -3.95 -9.25 9.81
N ILE B 165 -2.70 -9.20 10.24
CA ILE B 165 -2.37 -8.50 11.48
C ILE B 165 -2.47 -6.98 11.30
N GLY B 166 -2.23 -6.52 10.07
CA GLY B 166 -2.31 -5.10 9.75
C GLY B 166 -1.11 -4.31 10.20
N PHE B 167 -1.11 -3.01 9.89
CA PHE B 167 -0.03 -2.11 10.29
C PHE B 167 -0.28 -1.58 11.69
N MSE B 168 0.80 -1.35 12.45
CA MSE B 168 0.67 -0.92 13.83
C MSE B 168 -0.10 0.39 13.95
O MSE B 168 -1.00 0.51 14.79
CB MSE B 168 2.05 -0.77 14.48
CG MSE B 168 1.99 -0.21 15.90
SE MSE B 168 1.20 -1.47 17.19
CE MSE B 168 2.81 -2.47 17.63
N ASP B 169 0.23 1.37 13.11
CA ASP B 169 -0.44 2.66 13.16
C ASP B 169 -1.91 2.56 12.75
N ASP B 170 -2.23 1.56 11.93
CA ASP B 170 -3.62 1.30 11.60
C ASP B 170 -4.35 0.86 12.85
N ILE B 171 -3.80 -0.16 13.50
CA ILE B 171 -4.31 -0.67 14.76
C ILE B 171 -4.45 0.44 15.78
N GLN B 172 -3.45 1.31 15.84
CA GLN B 172 -3.40 2.37 16.83
C GLN B 172 -4.45 3.45 16.55
N ASN B 173 -4.90 3.56 15.31
CA ASN B 173 -5.82 4.62 14.93
C ASN B 173 -7.24 4.14 14.60
N TRP B 174 -7.55 2.91 14.98
CA TRP B 174 -8.91 2.39 14.83
C TRP B 174 -9.88 3.24 15.64
N THR B 175 -11.12 3.30 15.18
CA THR B 175 -12.20 3.89 15.97
C THR B 175 -13.32 2.88 16.12
N LEU B 176 -14.14 3.04 17.15
CA LEU B 176 -15.28 2.17 17.38
C LEU B 176 -16.24 2.23 16.19
N LYS B 177 -16.35 3.42 15.61
CA LYS B 177 -17.21 3.61 14.44
C LYS B 177 -16.69 2.80 13.25
N ASP B 178 -15.37 2.78 13.07
CA ASP B 178 -14.75 2.02 11.99
C ASP B 178 -15.11 0.55 12.07
N ILE B 179 -15.00 0.01 13.27
CA ILE B 179 -15.23 -1.41 13.52
C ILE B 179 -16.71 -1.77 13.43
N LYS B 180 -17.58 -0.90 13.94
CA LYS B 180 -19.01 -1.10 13.81
C LYS B 180 -19.43 -1.10 12.34
N LYS B 181 -18.81 -0.23 11.55
CA LYS B 181 -19.09 -0.15 10.13
C LYS B 181 -18.66 -1.45 9.43
N PHE B 182 -17.44 -1.89 9.72
CA PHE B 182 -16.88 -3.08 9.11
C PHE B 182 -17.69 -4.33 9.45
N HIS B 183 -18.00 -4.49 10.73
CA HIS B 183 -18.69 -5.68 11.21
C HIS B 183 -20.10 -5.79 10.64
N SER B 184 -20.90 -4.74 10.83
CA SER B 184 -22.29 -4.75 10.37
C SER B 184 -22.40 -4.90 8.86
N LEU B 185 -21.33 -4.56 8.14
CA LEU B 185 -21.31 -4.67 6.69
C LEU B 185 -20.92 -6.08 6.25
N TYR B 186 -19.92 -6.66 6.90
CA TYR B 186 -19.34 -7.92 6.44
C TYR B 186 -19.81 -9.15 7.23
N TYR B 187 -20.52 -8.93 8.34
CA TYR B 187 -21.07 -10.04 9.11
C TYR B 187 -22.58 -10.14 8.95
N GLN B 188 -23.07 -9.85 7.75
CA GLN B 188 -24.47 -10.05 7.43
C GLN B 188 -24.70 -11.53 7.14
N PRO B 189 -25.91 -12.03 7.41
CA PRO B 189 -26.30 -13.39 7.08
C PRO B 189 -26.06 -13.73 5.61
N LYS B 190 -26.30 -12.76 4.73
CA LYS B 190 -26.08 -12.95 3.29
C LYS B 190 -24.60 -13.17 2.97
N ASN B 191 -23.74 -12.84 3.92
CA ASN B 191 -22.30 -12.98 3.74
C ASN B 191 -21.73 -14.10 4.60
N ALA B 192 -22.62 -14.89 5.19
CA ALA B 192 -22.19 -15.93 6.14
C ALA B 192 -22.64 -17.33 5.73
N ILE B 193 -21.89 -18.33 6.18
CA ILE B 193 -22.20 -19.73 5.92
C ILE B 193 -22.13 -20.55 7.20
N VAL B 194 -23.21 -21.28 7.49
CA VAL B 194 -23.23 -22.18 8.64
C VAL B 194 -23.00 -23.61 8.18
N LEU B 195 -21.87 -24.17 8.60
CA LEU B 195 -21.46 -25.50 8.17
C LEU B 195 -21.45 -26.47 9.35
N VAL B 196 -22.12 -27.60 9.20
CA VAL B 196 -22.15 -28.62 10.25
C VAL B 196 -21.68 -29.97 9.71
N VAL B 197 -20.60 -30.49 10.31
CA VAL B 197 -19.99 -31.74 9.87
C VAL B 197 -19.89 -32.72 11.02
N GLY B 198 -20.22 -33.99 10.78
CA GLY B 198 -20.11 -35.02 11.79
C GLY B 198 -21.25 -36.00 11.79
N ASP B 199 -21.56 -36.54 12.96
CA ASP B 199 -22.64 -37.51 13.10
C ASP B 199 -23.93 -36.80 13.50
N VAL B 200 -24.67 -36.31 12.51
CA VAL B 200 -25.92 -35.59 12.76
C VAL B 200 -26.80 -35.59 11.51
N ASN B 201 -28.10 -35.64 11.71
CA ASN B 201 -29.04 -35.64 10.59
C ASN B 201 -29.15 -34.26 9.93
N SER B 202 -29.13 -34.25 8.60
CA SER B 202 -29.18 -33.00 7.84
C SER B 202 -30.45 -32.21 8.07
N GLN B 203 -31.59 -32.90 8.11
CA GLN B 203 -32.87 -32.24 8.32
C GLN B 203 -32.97 -31.67 9.72
N LYS B 204 -32.21 -32.25 10.66
CA LYS B 204 -32.14 -31.70 12.01
C LYS B 204 -31.24 -30.47 12.02
N VAL B 205 -30.15 -30.52 11.27
CA VAL B 205 -29.25 -29.39 11.12
C VAL B 205 -29.99 -28.20 10.52
N PHE B 206 -30.75 -28.47 9.45
CA PHE B 206 -31.46 -27.41 8.75
C PHE B 206 -32.52 -26.74 9.62
N GLU B 207 -33.39 -27.53 10.25
CA GLU B 207 -34.47 -26.99 11.06
C GLU B 207 -33.95 -26.26 12.29
N LEU B 208 -32.79 -26.69 12.80
CA LEU B 208 -32.19 -26.05 13.96
C LEU B 208 -31.48 -24.75 13.56
N THR B 209 -30.89 -24.74 12.37
CA THR B 209 -30.28 -23.53 11.85
C THR B 209 -31.36 -22.53 11.47
N LYS B 210 -32.42 -23.02 10.82
CA LYS B 210 -33.58 -22.19 10.51
C LYS B 210 -34.18 -21.61 11.78
N LYS B 211 -34.12 -22.37 12.86
CA LYS B 211 -34.63 -21.93 14.14
C LYS B 211 -33.90 -20.69 14.65
N HIS B 212 -32.58 -20.68 14.51
CA HIS B 212 -31.77 -19.62 15.11
C HIS B 212 -31.32 -18.53 14.13
N PHE B 213 -31.35 -18.82 12.84
CA PHE B 213 -30.74 -17.91 11.87
C PHE B 213 -31.71 -17.32 10.83
N GLU B 214 -32.83 -17.99 10.60
CA GLU B 214 -33.74 -17.56 9.54
C GLU B 214 -34.34 -16.18 9.81
N SER B 215 -34.48 -15.83 11.08
CA SER B 215 -35.11 -14.57 11.47
C SER B 215 -34.12 -13.41 11.57
N LEU B 216 -32.83 -13.70 11.42
CA LEU B 216 -31.82 -12.65 11.47
C LEU B 216 -31.89 -11.78 10.21
N LYS B 217 -31.71 -10.49 10.38
CA LYS B 217 -31.88 -9.55 9.27
C LYS B 217 -30.56 -9.06 8.70
N ASN B 218 -30.59 -8.68 7.44
CA ASN B 218 -29.44 -8.05 6.79
C ASN B 218 -29.44 -6.54 7.05
N LEU B 219 -28.41 -5.86 6.58
CA LEU B 219 -28.30 -4.43 6.76
C LEU B 219 -29.12 -3.70 5.71
N ASP B 220 -29.04 -4.17 4.47
CA ASP B 220 -29.79 -3.60 3.37
C ASP B 220 -29.91 -4.61 2.22
N GLU B 221 -30.37 -4.12 1.07
CA GLU B 221 -30.62 -4.99 -0.08
C GLU B 221 -29.42 -5.03 -1.03
N LYS B 222 -28.60 -3.99 -1.01
CA LYS B 222 -27.48 -3.88 -1.94
C LYS B 222 -26.34 -4.81 -1.58
N ALA B 223 -25.69 -5.37 -2.60
CA ALA B 223 -24.69 -6.42 -2.44
C ALA B 223 -23.43 -5.95 -1.72
N ILE B 224 -22.71 -6.89 -1.13
CA ILE B 224 -21.46 -6.61 -0.45
C ILE B 224 -20.43 -6.07 -1.42
N PRO B 225 -19.77 -4.94 -1.08
CA PRO B 225 -18.75 -4.33 -1.93
C PRO B 225 -17.61 -5.29 -2.27
N THR B 226 -17.34 -5.45 -3.57
CA THR B 226 -16.27 -6.32 -4.04
C THR B 226 -15.00 -5.51 -4.28
N PRO B 227 -13.88 -5.94 -3.68
CA PRO B 227 -12.59 -5.26 -3.87
C PRO B 227 -12.22 -5.16 -5.35
N TYR B 228 -11.69 -4.01 -5.75
CA TYR B 228 -11.44 -3.73 -7.16
C TYR B 228 -9.96 -3.49 -7.44
N MSE B 229 -9.14 -3.54 -6.39
CA MSE B 229 -7.72 -3.26 -6.51
C MSE B 229 -6.92 -4.49 -6.94
O MSE B 229 -6.27 -5.14 -6.12
CB MSE B 229 -7.18 -2.73 -5.18
CG MSE B 229 -7.78 -1.40 -4.75
SE MSE B 229 -8.45 -1.41 -2.93
CE MSE B 229 -9.77 -2.85 -3.11
N LYS B 230 -6.98 -4.81 -8.23
CA LYS B 230 -6.26 -5.96 -8.75
C LYS B 230 -4.78 -5.67 -8.90
N GLU B 231 -3.95 -6.57 -8.38
CA GLU B 231 -2.50 -6.44 -8.53
C GLU B 231 -2.09 -6.52 -9.99
N PRO B 232 -1.39 -5.48 -10.46
CA PRO B 232 -0.82 -5.52 -11.81
C PRO B 232 0.13 -6.71 -11.94
N LYS B 233 0.23 -7.28 -13.14
CA LYS B 233 1.14 -8.39 -13.36
C LYS B 233 2.56 -7.99 -12.96
N GLN B 234 3.22 -8.84 -12.18
CA GLN B 234 4.57 -8.55 -11.73
C GLN B 234 5.52 -8.47 -12.92
N ASP B 235 6.18 -7.33 -13.04
CA ASP B 235 6.96 -7.00 -14.21
C ASP B 235 8.46 -7.22 -14.01
N GLY B 236 8.81 -8.08 -13.06
CA GLY B 236 10.21 -8.32 -12.73
C GLY B 236 10.46 -8.54 -11.26
N ALA B 237 11.68 -8.95 -10.93
CA ALA B 237 12.03 -9.35 -9.58
C ALA B 237 11.92 -8.20 -8.57
N ARG B 238 11.47 -8.53 -7.36
CA ARG B 238 11.38 -7.56 -6.28
C ARG B 238 12.13 -8.07 -5.05
N THR B 239 13.02 -7.25 -4.50
CA THR B 239 13.76 -7.65 -3.30
C THR B 239 13.67 -6.61 -2.19
N ALA B 240 13.95 -7.05 -0.97
CA ALA B 240 13.97 -6.21 0.21
C ALA B 240 14.79 -6.85 1.30
N VAL B 241 15.68 -6.09 1.92
CA VAL B 241 16.46 -6.60 3.04
C VAL B 241 15.93 -6.02 4.34
N VAL B 242 15.72 -6.88 5.33
CA VAL B 242 15.23 -6.43 6.62
C VAL B 242 16.24 -6.69 7.74
N HIS B 243 16.86 -5.63 8.23
CA HIS B 243 17.76 -5.71 9.36
C HIS B 243 16.98 -5.54 10.66
N LYS B 244 17.03 -6.55 11.52
CA LYS B 244 16.34 -6.50 12.80
C LYS B 244 17.30 -6.81 13.94
N ASP B 245 17.13 -6.13 15.06
CA ASP B 245 18.04 -6.30 16.20
C ASP B 245 17.80 -7.62 16.92
N GLY B 246 16.53 -7.98 17.10
CA GLY B 246 16.17 -9.17 17.83
C GLY B 246 16.69 -10.47 17.24
N VAL B 247 16.82 -10.50 15.93
CA VAL B 247 17.23 -11.72 15.23
C VAL B 247 18.71 -12.03 15.46
N HIS B 248 19.12 -13.23 15.09
CA HIS B 248 20.52 -13.64 15.21
C HIS B 248 20.91 -14.59 14.07
N LEU B 249 19.94 -15.39 13.62
CA LEU B 249 20.13 -16.23 12.43
C LEU B 249 19.54 -15.52 11.22
N GLU B 250 20.08 -15.81 10.04
CA GLU B 250 19.57 -15.17 8.82
C GLU B 250 18.48 -16.00 8.16
N TRP B 251 17.39 -15.34 7.81
CA TRP B 251 16.24 -15.99 7.18
C TRP B 251 16.05 -15.51 5.74
N VAL B 252 15.30 -16.28 4.96
CA VAL B 252 15.01 -15.90 3.58
C VAL B 252 13.58 -16.27 3.19
N ALA B 253 12.94 -15.40 2.43
CA ALA B 253 11.63 -15.68 1.87
C ALA B 253 11.67 -15.50 0.35
N LEU B 254 11.46 -16.59 -0.38
CA LEU B 254 11.42 -16.53 -1.83
C LEU B 254 10.05 -16.95 -2.34
N GLY B 255 9.31 -16.01 -2.91
CA GLY B 255 7.97 -16.28 -3.36
C GLY B 255 7.76 -16.00 -4.84
N TYR B 256 6.96 -16.84 -5.48
CA TYR B 256 6.64 -16.67 -6.89
C TYR B 256 5.14 -16.45 -7.05
N LYS B 257 4.76 -15.49 -7.88
CA LYS B 257 3.36 -15.22 -8.16
C LYS B 257 2.69 -16.43 -8.77
N VAL B 258 1.40 -16.59 -8.48
CA VAL B 258 0.68 -17.80 -8.82
C VAL B 258 -0.79 -17.47 -9.03
N PRO B 259 -1.48 -18.22 -9.92
CA PRO B 259 -2.89 -17.97 -10.26
C PRO B 259 -3.82 -17.93 -9.06
N ALA B 260 -5.03 -17.45 -9.27
CA ALA B 260 -6.04 -17.36 -8.21
C ALA B 260 -6.55 -18.74 -7.78
N PHE B 261 -7.37 -18.75 -6.73
CA PHE B 261 -7.83 -19.97 -6.06
C PHE B 261 -8.38 -21.04 -7.00
N LYS B 262 -9.29 -20.63 -7.88
CA LYS B 262 -10.08 -21.58 -8.65
C LYS B 262 -9.40 -22.01 -9.96
N HIS B 263 -8.08 -22.12 -9.92
CA HIS B 263 -7.31 -22.42 -11.12
C HIS B 263 -7.02 -23.91 -11.23
N LYS B 264 -6.74 -24.37 -12.44
CA LYS B 264 -6.48 -25.78 -12.68
C LYS B 264 -5.09 -26.20 -12.20
N ASP B 265 -4.15 -25.26 -12.24
CA ASP B 265 -2.77 -25.56 -11.90
C ASP B 265 -2.54 -25.62 -10.40
N GLN B 266 -3.56 -25.27 -9.62
CA GLN B 266 -3.45 -25.28 -8.18
C GLN B 266 -3.14 -26.67 -7.63
N VAL B 267 -3.68 -27.70 -8.27
CA VAL B 267 -3.48 -29.06 -7.81
C VAL B 267 -2.01 -29.46 -7.98
N ALA B 268 -1.44 -29.10 -9.12
CA ALA B 268 -0.03 -29.37 -9.39
C ALA B 268 0.86 -28.57 -8.45
N LEU B 269 0.48 -27.32 -8.19
CA LEU B 269 1.20 -26.48 -7.25
C LEU B 269 1.21 -27.09 -5.86
N ASP B 270 0.06 -27.60 -5.43
CA ASP B 270 -0.03 -28.35 -4.18
C ASP B 270 0.93 -29.53 -4.20
N ALA B 271 0.97 -30.24 -5.32
CA ALA B 271 1.85 -31.38 -5.48
C ALA B 271 3.32 -30.95 -5.47
N LEU B 272 3.61 -29.79 -6.06
CA LEU B 272 4.97 -29.28 -6.08
C LEU B 272 5.47 -28.96 -4.66
N SER B 273 4.58 -28.41 -3.84
CA SER B 273 4.91 -28.06 -2.47
C SER B 273 5.14 -29.32 -1.64
N LYS B 274 4.32 -30.34 -1.89
CA LYS B 274 4.47 -31.64 -1.24
C LYS B 274 5.85 -32.22 -1.54
N LEU B 275 6.34 -31.99 -2.75
CA LEU B 275 7.63 -32.50 -3.19
C LEU B 275 8.81 -31.65 -2.70
N LEU B 276 8.67 -30.33 -2.81
CA LEU B 276 9.78 -29.42 -2.56
C LEU B 276 10.06 -29.16 -1.07
N GLY B 277 9.04 -28.74 -0.33
CA GLY B 277 9.24 -28.31 1.04
C GLY B 277 8.17 -28.68 2.04
N GLU B 278 7.63 -29.90 1.93
CA GLU B 278 6.68 -30.41 2.92
C GLU B 278 6.98 -31.87 3.23
N GLY B 279 6.97 -32.20 4.52
CA GLY B 279 7.29 -33.55 4.95
C GLY B 279 8.77 -33.71 5.23
N LYS B 280 9.14 -34.86 5.80
CA LYS B 280 10.53 -35.12 6.15
C LYS B 280 11.28 -35.74 4.98
N SER B 281 10.63 -35.80 3.82
CA SER B 281 11.23 -36.38 2.63
C SER B 281 11.32 -35.35 1.50
N SER B 282 11.01 -34.09 1.82
CA SER B 282 11.02 -33.03 0.83
C SER B 282 12.43 -32.73 0.36
N TRP B 283 12.55 -31.95 -0.71
CA TRP B 283 13.85 -31.57 -1.24
C TRP B 283 14.55 -30.58 -0.31
N LEU B 284 13.80 -29.63 0.23
CA LEU B 284 14.37 -28.63 1.12
C LEU B 284 14.88 -29.25 2.42
N GLN B 285 14.24 -30.32 2.86
CA GLN B 285 14.64 -30.99 4.09
C GLN B 285 15.92 -31.79 3.91
N SER B 286 15.91 -32.72 2.97
CA SER B 286 17.01 -33.67 2.83
C SER B 286 18.16 -33.14 1.98
N GLU B 287 18.19 -31.83 1.74
CA GLU B 287 19.29 -31.21 1.00
C GLU B 287 19.85 -29.99 1.73
N LEU B 288 18.97 -29.10 2.15
CA LEU B 288 19.38 -27.92 2.90
C LEU B 288 19.63 -28.25 4.37
N VAL B 289 18.63 -28.85 5.01
CA VAL B 289 18.70 -29.13 6.43
C VAL B 289 19.56 -30.35 6.75
N ASP B 290 19.51 -31.37 5.88
CA ASP B 290 20.20 -32.62 6.15
C ASP B 290 21.56 -32.72 5.47
N LYS B 291 21.54 -32.88 4.15
CA LYS B 291 22.75 -33.15 3.37
C LYS B 291 23.80 -32.04 3.48
N LYS B 292 23.36 -30.80 3.63
CA LYS B 292 24.29 -29.67 3.70
C LYS B 292 24.24 -28.97 5.06
N ARG B 293 23.17 -29.20 5.80
CA ARG B 293 22.97 -28.60 7.13
C ARG B 293 23.09 -27.08 7.08
N LEU B 294 22.54 -26.47 6.04
CA LEU B 294 22.63 -25.03 5.85
C LEU B 294 21.54 -24.28 6.61
N ALA B 295 20.35 -24.89 6.69
CA ALA B 295 19.22 -24.25 7.36
C ALA B 295 18.66 -25.12 8.49
N SER B 296 18.30 -24.48 9.60
CA SER B 296 17.67 -25.17 10.71
C SER B 296 16.23 -25.53 10.35
N GLN B 297 15.62 -24.68 9.54
CA GLN B 297 14.26 -24.90 9.05
C GLN B 297 14.16 -24.49 7.59
N ALA B 298 13.42 -25.28 6.82
CA ALA B 298 13.18 -24.96 5.41
C ALA B 298 11.91 -25.65 4.94
N PHE B 299 10.99 -24.87 4.39
CA PHE B 299 9.71 -25.42 3.94
C PHE B 299 9.09 -24.57 2.83
N SER B 300 8.10 -25.16 2.14
CA SER B 300 7.35 -24.43 1.13
C SER B 300 5.86 -24.48 1.45
N HIS B 301 5.10 -23.55 0.86
CA HIS B 301 3.66 -23.53 1.06
C HIS B 301 2.96 -22.89 -0.15
N ASN B 302 2.24 -23.70 -0.91
CA ASN B 302 1.39 -23.16 -1.97
C ASN B 302 0.13 -22.56 -1.36
N MSE B 303 0.22 -21.30 -1.00
CA MSE B 303 -0.92 -20.58 -0.47
C MSE B 303 -2.00 -20.52 -1.55
O MSE B 303 -1.76 -20.09 -2.67
CB MSE B 303 -0.52 -19.17 -0.04
CG MSE B 303 0.75 -19.15 0.78
SE MSE B 303 0.62 -17.93 2.28
CE MSE B 303 2.07 -18.64 3.37
N GLN B 304 -3.20 -20.99 -1.20
CA GLN B 304 -4.29 -20.97 -2.17
C GLN B 304 -5.21 -19.81 -1.87
N LEU B 305 -4.69 -18.61 -2.07
CA LEU B 305 -5.42 -17.38 -1.81
C LEU B 305 -6.49 -17.16 -2.87
N GLN B 306 -7.54 -16.45 -2.50
CA GLN B 306 -8.69 -16.22 -3.38
C GLN B 306 -8.28 -15.50 -4.67
N ASP B 307 -7.64 -14.35 -4.54
CA ASP B 307 -7.15 -13.61 -5.71
C ASP B 307 -5.78 -14.13 -6.13
N GLU B 308 -5.02 -13.33 -6.88
CA GLU B 308 -3.70 -13.75 -7.32
C GLU B 308 -2.83 -14.17 -6.14
N SER B 309 -2.39 -15.41 -6.16
CA SER B 309 -1.79 -16.04 -4.98
C SER B 309 -0.27 -16.08 -5.06
N VAL B 310 0.32 -16.80 -4.12
CA VAL B 310 1.77 -16.85 -3.97
C VAL B 310 2.25 -18.24 -3.55
N PHE B 311 3.25 -18.75 -4.25
CA PHE B 311 3.96 -19.95 -3.84
C PHE B 311 5.18 -19.51 -3.04
N LEU B 312 5.30 -19.97 -1.80
CA LEU B 312 6.24 -19.38 -0.86
C LEU B 312 7.32 -20.35 -0.36
N PHE B 313 8.58 -19.96 -0.51
CA PHE B 313 9.71 -20.68 0.06
C PHE B 313 10.28 -19.93 1.26
N ILE B 314 10.38 -20.60 2.40
CA ILE B 314 10.95 -19.97 3.60
C ILE B 314 12.04 -20.84 4.22
N ALA B 315 13.19 -20.24 4.51
CA ALA B 315 14.31 -20.96 5.08
C ALA B 315 15.08 -20.13 6.10
N GLY B 316 15.39 -20.75 7.24
CA GLY B 316 16.16 -20.10 8.28
C GLY B 316 17.48 -20.80 8.49
N GLY B 317 18.57 -20.10 8.21
CA GLY B 317 19.89 -20.71 8.19
C GLY B 317 20.48 -21.04 9.55
N ASN B 318 21.44 -21.96 9.54
CA ASN B 318 22.24 -22.26 10.72
C ASN B 318 23.20 -21.10 11.01
N PRO B 319 23.78 -21.05 12.22
CA PRO B 319 24.72 -19.97 12.55
C PRO B 319 25.85 -19.80 11.53
N ASN B 320 26.32 -18.56 11.37
CA ASN B 320 27.38 -18.21 10.45
C ASN B 320 27.07 -18.57 8.99
N ILE B 321 25.79 -18.62 8.65
CA ILE B 321 25.36 -18.88 7.29
C ILE B 321 24.51 -17.73 6.76
N LYS B 322 24.97 -17.10 5.69
CA LYS B 322 24.30 -15.93 5.13
C LYS B 322 23.02 -16.32 4.39
N ALA B 323 22.07 -15.38 4.32
CA ALA B 323 20.79 -15.63 3.68
C ALA B 323 20.92 -15.84 2.19
N GLU B 324 21.90 -15.18 1.57
CA GLU B 324 22.14 -15.31 0.14
C GLU B 324 22.54 -16.74 -0.23
N ALA B 325 23.22 -17.40 0.70
CA ALA B 325 23.63 -18.79 0.49
C ALA B 325 22.42 -19.71 0.42
N LEU B 326 21.38 -19.36 1.18
CA LEU B 326 20.13 -20.12 1.16
C LEU B 326 19.40 -19.93 -0.16
N GLN B 327 19.41 -18.70 -0.67
CA GLN B 327 18.75 -18.39 -1.93
C GLN B 327 19.43 -19.09 -3.09
N LYS B 328 20.77 -19.09 -3.06
CA LYS B 328 21.55 -19.72 -4.12
C LYS B 328 21.22 -21.20 -4.25
N GLU B 329 20.84 -21.82 -3.13
CA GLU B 329 20.57 -23.26 -3.11
C GLU B 329 19.15 -23.60 -3.54
N ILE B 330 18.17 -22.89 -3.01
CA ILE B 330 16.78 -23.16 -3.38
C ILE B 330 16.55 -22.88 -4.86
N VAL B 331 17.24 -21.89 -5.40
CA VAL B 331 17.16 -21.58 -6.82
C VAL B 331 17.77 -22.72 -7.63
N ALA B 332 18.90 -23.24 -7.15
CA ALA B 332 19.57 -24.37 -7.78
C ALA B 332 18.68 -25.61 -7.82
N LEU B 333 17.85 -25.77 -6.80
CA LEU B 333 16.87 -26.85 -6.78
C LEU B 333 15.78 -26.60 -7.83
N LEU B 334 15.29 -25.36 -7.88
CA LEU B 334 14.24 -24.98 -8.82
C LEU B 334 14.72 -25.11 -10.27
N GLU B 335 16.00 -24.80 -10.50
CA GLU B 335 16.58 -24.97 -11.82
C GLU B 335 16.67 -26.45 -12.14
N LYS B 336 17.10 -27.23 -11.16
CA LYS B 336 17.14 -28.68 -11.27
C LYS B 336 15.73 -29.23 -11.52
N LEU B 337 14.75 -28.67 -10.81
CA LEU B 337 13.36 -29.03 -11.01
C LEU B 337 12.88 -28.67 -12.42
N LYS B 338 13.14 -27.44 -12.84
CA LYS B 338 12.70 -26.96 -14.15
C LYS B 338 13.35 -27.73 -15.29
N LYS B 339 14.48 -28.39 -15.01
CA LYS B 339 15.11 -29.27 -16.00
C LYS B 339 14.31 -30.55 -16.17
N GLY B 340 13.39 -30.80 -15.24
CA GLY B 340 12.50 -31.94 -15.32
C GLY B 340 13.01 -33.15 -14.56
N GLU B 341 13.89 -32.92 -13.58
CA GLU B 341 14.48 -34.01 -12.83
C GLU B 341 13.61 -34.43 -11.64
N ILE B 342 12.50 -35.08 -11.96
CA ILE B 342 11.66 -35.72 -10.94
C ILE B 342 11.51 -37.20 -11.26
N THR B 343 11.94 -38.04 -10.33
CA THR B 343 11.86 -39.49 -10.53
C THR B 343 10.42 -39.97 -10.48
N GLN B 344 10.14 -41.07 -11.17
CA GLN B 344 8.83 -41.69 -11.10
C GLN B 344 8.53 -42.14 -9.67
N ALA B 345 9.58 -42.56 -8.97
CA ALA B 345 9.47 -42.94 -7.57
C ALA B 345 9.03 -41.77 -6.70
N GLU B 346 9.60 -40.59 -6.95
CA GLU B 346 9.26 -39.39 -6.20
C GLU B 346 7.79 -39.02 -6.38
N LEU B 347 7.35 -38.99 -7.63
CA LEU B 347 5.97 -38.68 -7.97
C LEU B 347 5.01 -39.67 -7.32
N ASP B 348 5.43 -40.92 -7.21
CA ASP B 348 4.58 -41.97 -6.66
C ASP B 348 4.43 -41.82 -5.15
N LYS B 349 5.50 -41.39 -4.48
CA LYS B 349 5.47 -41.21 -3.04
C LYS B 349 4.52 -40.07 -2.67
N ILE B 350 4.48 -39.05 -3.52
CA ILE B 350 3.57 -37.94 -3.32
C ILE B 350 2.12 -38.42 -3.39
N LYS B 351 1.83 -39.29 -4.35
CA LYS B 351 0.47 -39.75 -4.57
C LYS B 351 0.01 -40.75 -3.50
N ILE B 352 0.92 -41.59 -3.01
CA ILE B 352 0.55 -42.57 -2.02
C ILE B 352 0.32 -41.89 -0.66
N ASN B 353 1.06 -40.81 -0.42
CA ASN B 353 0.91 -40.05 0.82
C ASN B 353 -0.38 -39.23 0.80
N GLN B 354 -0.76 -38.76 -0.39
CA GLN B 354 -1.98 -37.98 -0.55
C GLN B 354 -3.21 -38.85 -0.32
N LYS B 355 -3.13 -40.11 -0.73
CA LYS B 355 -4.18 -41.08 -0.47
C LYS B 355 -4.36 -41.26 1.04
N ALA B 356 -3.25 -41.48 1.72
CA ALA B 356 -3.28 -41.76 3.16
C ALA B 356 -3.82 -40.59 3.97
N ASP B 357 -3.44 -39.37 3.58
CA ASP B 357 -3.92 -38.18 4.28
C ASP B 357 -5.40 -37.96 4.02
N PHE B 358 -5.84 -38.26 2.80
CA PHE B 358 -7.24 -38.06 2.43
C PHE B 358 -8.16 -38.98 3.22
N ILE B 359 -7.85 -40.28 3.23
CA ILE B 359 -8.65 -41.24 3.97
C ILE B 359 -8.58 -41.02 5.47
N SER B 360 -7.47 -40.43 5.94
CA SER B 360 -7.32 -40.10 7.35
C SER B 360 -8.22 -38.94 7.72
N ASN B 361 -8.46 -38.04 6.77
CA ASN B 361 -9.29 -36.87 6.99
C ASN B 361 -10.77 -37.17 7.02
N LEU B 362 -11.19 -38.19 6.27
CA LEU B 362 -12.60 -38.55 6.19
C LEU B 362 -13.12 -39.13 7.50
N GLU B 363 -12.19 -39.47 8.39
CA GLU B 363 -12.55 -40.03 9.69
C GLU B 363 -12.76 -38.92 10.72
N SER B 364 -12.22 -37.74 10.45
CA SER B 364 -12.32 -36.63 11.39
C SER B 364 -13.19 -35.50 10.85
N SER B 365 -14.23 -35.15 11.61
CA SER B 365 -15.14 -34.08 11.23
C SER B 365 -14.43 -32.73 11.17
N SER B 366 -13.36 -32.58 11.97
CA SER B 366 -12.57 -31.36 11.97
C SER B 366 -11.84 -31.17 10.65
N ASP B 367 -11.31 -32.28 10.12
CA ASP B 367 -10.56 -32.24 8.87
C ASP B 367 -11.48 -31.99 7.69
N VAL B 368 -12.62 -32.68 7.68
CA VAL B 368 -13.60 -32.54 6.61
C VAL B 368 -14.15 -31.11 6.55
N ALA B 369 -14.43 -30.55 7.72
CA ALA B 369 -14.94 -29.18 7.81
C ALA B 369 -13.93 -28.20 7.21
N GLY B 370 -12.67 -28.34 7.60
CA GLY B 370 -11.61 -27.49 7.10
C GLY B 370 -11.48 -27.52 5.58
N LEU B 371 -11.73 -28.69 4.99
CA LEU B 371 -11.70 -28.83 3.54
C LEU B 371 -12.85 -28.06 2.91
N PHE B 372 -14.07 -28.36 3.36
CA PHE B 372 -15.28 -27.72 2.82
C PHE B 372 -15.27 -26.21 3.03
N ALA B 373 -14.78 -25.76 4.18
CA ALA B 373 -14.79 -24.36 4.53
C ALA B 373 -14.07 -23.50 3.49
N ASP B 374 -12.93 -24.00 3.01
CA ASP B 374 -12.12 -23.25 2.07
C ASP B 374 -12.79 -23.17 0.69
N TYR B 375 -13.48 -24.23 0.32
CA TYR B 375 -14.08 -24.31 -1.01
C TYR B 375 -15.50 -23.78 -1.07
N LEU B 376 -16.18 -23.75 0.07
CA LEU B 376 -17.54 -23.21 0.15
C LEU B 376 -17.54 -21.70 -0.03
N VAL B 377 -16.63 -21.02 0.68
CA VAL B 377 -16.53 -19.57 0.62
C VAL B 377 -16.17 -19.09 -0.77
N GLN B 378 -15.63 -19.99 -1.59
CA GLN B 378 -15.27 -19.67 -2.96
C GLN B 378 -16.32 -20.20 -3.94
N ASN B 379 -17.31 -20.91 -3.41
CA ASN B 379 -18.31 -21.61 -4.22
C ASN B 379 -17.62 -22.50 -5.24
N ASP B 380 -16.79 -23.43 -4.75
CA ASP B 380 -16.02 -24.30 -5.61
C ASP B 380 -16.02 -25.73 -5.10
N LEU B 381 -17.20 -26.25 -4.79
CA LEU B 381 -17.32 -27.61 -4.27
C LEU B 381 -17.01 -28.62 -5.36
N GLN B 382 -17.30 -28.25 -6.61
CA GLN B 382 -16.99 -29.11 -7.75
C GLN B 382 -15.49 -29.32 -7.85
N GLY B 383 -14.73 -28.26 -7.57
CA GLY B 383 -13.29 -28.35 -7.57
C GLY B 383 -12.82 -29.30 -6.48
N LEU B 384 -13.46 -29.22 -5.32
CA LEU B 384 -13.09 -30.05 -4.18
C LEU B 384 -13.32 -31.53 -4.46
N THR B 385 -14.46 -31.86 -5.05
CA THR B 385 -14.79 -33.25 -5.36
C THR B 385 -13.85 -33.81 -6.41
N ASP B 386 -13.48 -32.97 -7.38
CA ASP B 386 -12.63 -33.40 -8.49
C ASP B 386 -11.15 -33.39 -8.14
N TYR B 387 -10.82 -33.02 -6.90
CA TYR B 387 -9.43 -32.83 -6.51
C TYR B 387 -8.62 -34.12 -6.56
N GLN B 388 -9.07 -35.13 -5.83
CA GLN B 388 -8.35 -36.40 -5.72
C GLN B 388 -8.00 -37.03 -7.06
N GLN B 389 -8.97 -37.06 -7.97
CA GLN B 389 -8.75 -37.65 -9.28
C GLN B 389 -7.74 -36.83 -10.08
N GLN B 390 -7.80 -35.51 -9.95
CA GLN B 390 -6.88 -34.64 -10.67
C GLN B 390 -5.47 -34.80 -10.14
N PHE B 391 -5.36 -35.03 -8.84
CA PHE B 391 -4.06 -35.18 -8.19
C PHE B 391 -3.38 -36.48 -8.59
N LEU B 392 -4.17 -37.54 -8.65
CA LEU B 392 -3.63 -38.88 -8.93
C LEU B 392 -3.39 -39.07 -10.42
N ASP B 393 -3.88 -38.15 -11.24
CA ASP B 393 -3.66 -38.21 -12.69
C ASP B 393 -2.53 -37.28 -13.10
N LEU B 394 -1.90 -36.65 -12.12
CA LEU B 394 -0.78 -35.76 -12.39
C LEU B 394 0.41 -36.56 -12.92
N LYS B 395 0.96 -36.10 -14.04
CA LYS B 395 2.22 -36.66 -14.53
C LYS B 395 3.35 -35.75 -14.10
N VAL B 396 4.58 -36.26 -14.12
CA VAL B 396 5.76 -35.46 -13.80
C VAL B 396 5.79 -34.21 -14.68
N SER B 397 5.44 -34.40 -15.95
CA SER B 397 5.41 -33.30 -16.91
C SER B 397 4.51 -32.16 -16.44
N ASP B 398 3.41 -32.50 -15.78
CA ASP B 398 2.50 -31.49 -15.24
C ASP B 398 3.20 -30.66 -14.18
N LEU B 399 3.96 -31.34 -13.32
CA LEU B 399 4.71 -30.67 -12.27
C LEU B 399 5.80 -29.77 -12.85
N VAL B 400 6.42 -30.22 -13.94
CA VAL B 400 7.51 -29.47 -14.54
C VAL B 400 6.99 -28.30 -15.38
N ARG B 401 5.86 -28.49 -16.05
CA ARG B 401 5.21 -27.41 -16.79
C ARG B 401 4.86 -26.26 -15.86
N VAL B 402 4.17 -26.60 -14.76
CA VAL B 402 3.74 -25.62 -13.78
C VAL B 402 4.95 -24.92 -13.15
N ALA B 403 6.01 -25.70 -12.93
CA ALA B 403 7.25 -25.17 -12.37
C ALA B 403 7.82 -24.07 -13.27
N ASN B 404 8.10 -24.42 -14.53
CA ASN B 404 8.65 -23.45 -15.47
C ASN B 404 7.72 -22.28 -15.76
N GLU B 405 6.42 -22.49 -15.54
CA GLU B 405 5.43 -21.48 -15.83
C GLU B 405 5.47 -20.32 -14.84
N TYR B 406 5.61 -20.65 -13.55
CA TYR B 406 5.46 -19.65 -12.51
C TYR B 406 6.75 -19.36 -11.75
N PHE B 407 7.70 -20.31 -11.76
CA PHE B 407 8.94 -20.12 -11.03
C PHE B 407 9.97 -19.39 -11.88
N LYS B 408 9.58 -18.22 -12.39
CA LYS B 408 10.48 -17.34 -13.11
C LYS B 408 10.85 -16.16 -12.23
N ASP B 409 12.07 -15.66 -12.38
CA ASP B 409 12.56 -14.55 -11.56
C ASP B 409 11.69 -13.29 -11.72
N THR B 410 11.10 -13.13 -12.90
CA THR B 410 10.26 -11.97 -13.18
C THR B 410 8.98 -11.95 -12.33
N GLN B 411 8.69 -13.07 -11.67
CA GLN B 411 7.55 -13.14 -10.76
C GLN B 411 8.04 -13.44 -9.34
N SER B 412 9.35 -13.34 -9.15
CA SER B 412 9.95 -13.68 -7.87
C SER B 412 9.96 -12.49 -6.92
N THR B 413 9.75 -12.79 -5.65
CA THR B 413 9.89 -11.82 -4.58
C THR B 413 10.78 -12.41 -3.50
N THR B 414 11.81 -11.66 -3.12
CA THR B 414 12.80 -12.18 -2.18
C THR B 414 13.03 -11.23 -1.02
N VAL B 415 12.88 -11.73 0.20
CA VAL B 415 13.12 -10.91 1.38
C VAL B 415 14.14 -11.56 2.31
N PHE B 416 15.19 -10.82 2.62
CA PHE B 416 16.26 -11.30 3.50
C PHE B 416 16.07 -10.78 4.94
N LEU B 417 16.33 -11.64 5.91
CA LEU B 417 16.26 -11.24 7.30
C LEU B 417 17.65 -11.30 7.96
N LYS B 418 18.16 -10.14 8.35
CA LYS B 418 19.50 -10.01 8.89
C LYS B 418 19.47 -9.17 10.17
N PRO B 419 20.57 -9.17 10.95
CA PRO B 419 21.76 -10.02 10.89
C PRO B 419 21.57 -11.32 11.64
C1 GOL C . 16.37 24.87 7.69
O1 GOL C . 15.88 24.42 6.45
C2 GOL C . 15.24 24.88 8.73
O2 GOL C . 14.16 24.10 8.25
C3 GOL C . 15.75 24.31 10.04
O3 GOL C . 14.68 24.24 10.96
ZN ZN D . -2.56 16.94 -14.62
ZN ZN E . 13.22 22.58 -2.44
C1 GOL F . -10.15 -26.39 -9.83
O1 GOL F . -9.88 -25.86 -8.55
C2 GOL F . -10.85 -25.35 -10.67
O2 GOL F . -10.33 -25.36 -11.98
C3 GOL F . -12.35 -25.64 -10.71
O3 GOL F . -13.02 -24.60 -11.37
ZN ZN G . -5.02 -13.34 16.78
ZN ZN H . -4.73 -25.19 0.02
#